data_8JJQ
#
_entry.id   8JJQ
#
_cell.length_a   108.114
_cell.length_b   56.377
_cell.length_c   108.130
_cell.angle_alpha   90.00
_cell.angle_beta   91.01
_cell.angle_gamma   90.00
#
_symmetry.space_group_name_H-M   'P 1 21 1'
#
loop_
_entity.id
_entity.type
_entity.pdbx_description
1 polymer 'TIGR04348 family glycosyltransferase'
2 non-polymer URIDINE-DIPHOSPHATE-N-ACETYLGALACTOSAMINE
3 water water
#
_entity_poly.entity_id   1
_entity_poly.type   'polypeptide(L)'
_entity_poly.pdbx_seq_one_letter_code
;MSNPSLVIVSPALPGANNGNWRTAQRWKALLSPVCSARVVQQWPDADASADTVMLALHARRSAESIAHWAHAHPGRGLGV
VLTGTDLYQDIGSDPQAQRSLQLAQRLVVLQALGAEALPPECRAKARVVYQSTSARAELPKSARQLRAVMVGHLRQVKSP
QTLFDAARLLCGREDIRIDHIGDAGDAGLGELARALASDCPGYRWLGALPHAQTRQRIQRAHVLVHTSALEGGAHVIMEA
VRSGTPVLASRVPGNVGMLGNDYAGYFPHGDAAALAALLEACRAGQGSKDRAAGLLDSLRTQCALRAPLFDPRAEQAALF
QLLNELQPPPP
;
_entity_poly.pdbx_strand_id   C,A,B
#
# COMPACT_ATOMS: atom_id res chain seq x y z
N SER A 2 13.09 -2.30 -34.17
CA SER A 2 13.56 -2.40 -32.76
C SER A 2 13.51 -1.03 -32.09
N ASN A 3 13.00 -0.97 -30.85
CA ASN A 3 12.89 0.29 -30.08
C ASN A 3 14.28 0.85 -29.78
N PRO A 4 14.43 2.18 -29.58
CA PRO A 4 15.73 2.73 -29.21
C PRO A 4 16.31 2.18 -27.89
N SER A 5 17.61 2.31 -27.74
CA SER A 5 18.39 2.04 -26.52
C SER A 5 18.89 3.38 -26.02
N LEU A 6 18.18 3.91 -25.01
CA LEU A 6 18.47 5.22 -24.43
C LEU A 6 19.48 5.10 -23.28
N VAL A 7 20.51 5.94 -23.35
CA VAL A 7 21.36 6.19 -22.17
C VAL A 7 21.10 7.58 -21.65
N ILE A 8 20.81 7.65 -20.33
CA ILE A 8 20.67 8.88 -19.55
C ILE A 8 21.97 9.06 -18.77
N VAL A 9 22.63 10.16 -19.02
CA VAL A 9 23.88 10.53 -18.29
C VAL A 9 23.51 11.53 -17.19
N SER A 10 23.73 11.17 -15.91
CA SER A 10 23.46 12.09 -14.78
C SER A 10 24.74 12.16 -13.94
N PRO A 11 25.17 13.38 -13.54
CA PRO A 11 26.41 13.51 -12.77
C PRO A 11 26.19 13.11 -11.30
N ALA A 12 24.96 12.88 -10.91
CA ALA A 12 24.65 12.44 -9.55
C ALA A 12 25.25 11.07 -9.22
N LEU A 13 25.63 10.87 -7.96
CA LEU A 13 25.96 9.52 -7.44
C LEU A 13 24.70 8.64 -7.46
N PRO A 14 24.78 7.35 -7.84
CA PRO A 14 23.63 6.46 -7.76
C PRO A 14 22.95 6.41 -6.38
N GLY A 15 21.62 6.56 -6.36
CA GLY A 15 20.81 6.60 -5.13
C GLY A 15 20.86 7.92 -4.38
N ALA A 16 21.54 8.96 -4.90
CA ALA A 16 21.59 10.31 -4.28
C ALA A 16 20.17 10.84 -4.13
N ASN A 17 19.91 11.60 -3.07
CA ASN A 17 18.57 12.22 -2.91
C ASN A 17 18.72 13.65 -3.36
N ASN A 18 18.70 13.90 -4.67
CA ASN A 18 18.83 15.26 -5.20
C ASN A 18 18.10 15.32 -6.57
N GLY A 19 18.04 16.50 -7.17
CA GLY A 19 17.30 16.69 -8.44
C GLY A 19 17.90 15.85 -9.53
N ASN A 20 19.21 15.93 -9.72
CA ASN A 20 19.79 15.28 -10.92
C ASN A 20 19.56 13.77 -10.89
N TRP A 21 19.62 13.12 -9.74
CA TRP A 21 19.27 11.69 -9.68
C TRP A 21 17.78 11.51 -9.93
N ARG A 22 16.94 12.32 -9.30
CA ARG A 22 15.48 12.23 -9.39
C ARG A 22 15.03 12.35 -10.83
N THR A 23 15.52 13.33 -11.57
CA THR A 23 15.13 13.51 -12.98
C THR A 23 15.51 12.24 -13.73
N ALA A 24 16.75 11.80 -13.54
CA ALA A 24 17.24 10.69 -14.40
C ALA A 24 16.42 9.42 -14.14
N GLN A 25 16.14 9.13 -12.91
CA GLN A 25 15.32 7.95 -12.56
C GLN A 25 13.91 8.07 -13.10
N ARG A 26 13.32 9.25 -12.94
CA ARG A 26 11.92 9.48 -13.39
C ARG A 26 11.88 9.29 -14.91
N TRP A 27 12.78 9.94 -15.61
CA TRP A 27 12.77 9.86 -17.09
C TRP A 27 12.91 8.41 -17.50
N LYS A 28 13.83 7.64 -16.88
CA LYS A 28 13.96 6.19 -17.16
C LYS A 28 12.62 5.48 -17.01
N ALA A 29 11.88 5.77 -15.95
CA ALA A 29 10.55 5.15 -15.70
C ALA A 29 9.57 5.56 -16.80
N LEU A 30 9.51 6.82 -17.13
CA LEU A 30 8.52 7.37 -18.10
C LEU A 30 8.77 6.85 -19.50
N LEU A 31 10.04 6.62 -19.85
CA LEU A 31 10.39 6.23 -21.23
C LEU A 31 10.41 4.71 -21.38
N SER A 32 10.40 3.93 -20.31
CA SER A 32 10.54 2.46 -20.36
C SER A 32 9.47 1.79 -21.24
N PRO A 33 8.26 2.34 -21.45
CA PRO A 33 7.33 1.60 -22.30
C PRO A 33 7.67 1.71 -23.81
N VAL A 34 8.58 2.58 -24.23
CA VAL A 34 8.89 2.78 -25.67
C VAL A 34 10.38 2.59 -25.97
N CYS A 35 11.21 2.31 -24.96
CA CYS A 35 12.65 2.10 -25.20
C CYS A 35 13.26 1.29 -24.05
N SER A 36 14.43 0.70 -24.31
CA SER A 36 15.35 0.18 -23.29
C SER A 36 16.10 1.39 -22.72
N ALA A 37 15.95 1.69 -21.42
CA ALA A 37 16.54 2.91 -20.80
C ALA A 37 17.49 2.52 -19.68
N ARG A 38 18.63 3.20 -19.59
CA ARG A 38 19.58 3.01 -18.48
C ARG A 38 20.19 4.35 -18.10
N VAL A 39 20.65 4.45 -16.85
CA VAL A 39 21.24 5.68 -16.28
C VAL A 39 22.68 5.36 -15.93
N VAL A 40 23.57 6.26 -16.31
CA VAL A 40 25.02 6.15 -15.98
C VAL A 40 25.52 7.50 -15.50
N GLN A 41 26.69 7.54 -14.86
CA GLN A 41 27.40 8.81 -14.53
C GLN A 41 28.32 9.28 -15.63
N GLN A 42 28.83 8.36 -16.45
CA GLN A 42 29.73 8.74 -17.55
C GLN A 42 29.57 7.74 -18.69
N TRP A 43 29.89 8.18 -19.90
CA TRP A 43 29.77 7.38 -21.12
C TRP A 43 31.05 7.62 -21.92
N PRO A 44 31.65 6.62 -22.61
CA PRO A 44 31.16 5.26 -22.69
C PRO A 44 31.49 4.34 -21.50
N ASP A 45 30.88 3.16 -21.54
CA ASP A 45 31.13 2.02 -20.60
C ASP A 45 31.01 0.70 -21.36
N ALA A 46 31.07 -0.43 -20.65
CA ALA A 46 31.14 -1.71 -21.36
C ALA A 46 29.90 -1.92 -22.24
N ASP A 47 28.78 -1.29 -21.91
CA ASP A 47 27.50 -1.51 -22.61
C ASP A 47 27.25 -0.46 -23.71
N ALA A 48 28.21 0.42 -23.99
CA ALA A 48 28.03 1.64 -24.80
C ALA A 48 27.66 1.28 -26.25
N SER A 49 28.17 0.19 -26.82
CA SER A 49 27.96 -0.09 -28.27
C SER A 49 26.48 -0.25 -28.62
N ALA A 50 25.60 -0.66 -27.70
CA ALA A 50 24.17 -0.88 -28.01
C ALA A 50 23.33 0.39 -27.89
N ASP A 51 23.83 1.42 -27.23
CA ASP A 51 23.12 2.71 -27.06
C ASP A 51 22.92 3.39 -28.44
N THR A 52 21.74 3.98 -28.69
CA THR A 52 21.37 4.70 -29.94
C THR A 52 21.00 6.17 -29.68
N VAL A 53 20.59 6.51 -28.44
CA VAL A 53 20.17 7.86 -28.06
C VAL A 53 20.81 8.14 -26.69
N MET A 54 21.24 9.34 -26.50
CA MET A 54 21.79 9.89 -25.22
C MET A 54 21.00 11.17 -24.82
N LEU A 55 20.53 11.18 -23.54
CA LEU A 55 20.05 12.36 -22.83
C LEU A 55 21.03 12.61 -21.70
N ALA A 56 21.81 13.69 -21.82
CA ALA A 56 22.87 14.04 -20.82
C ALA A 56 22.47 15.27 -20.02
N LEU A 57 22.52 15.17 -18.71
CA LEU A 57 22.16 16.25 -17.77
C LEU A 57 23.42 17.04 -17.42
N HIS A 58 23.31 18.35 -17.59
CA HIS A 58 24.28 19.39 -17.19
C HIS A 58 25.37 19.53 -18.27
N ALA A 59 25.29 20.63 -19.04
CA ALA A 59 26.19 20.90 -20.19
C ALA A 59 27.66 21.01 -19.80
N ARG A 60 27.98 21.33 -18.55
CA ARG A 60 29.39 21.36 -18.11
C ARG A 60 29.71 20.03 -17.45
N ARG A 61 28.97 19.65 -16.41
CA ARG A 61 29.35 18.47 -15.57
C ARG A 61 29.39 17.19 -16.40
N SER A 62 28.55 17.01 -17.43
CA SER A 62 28.58 15.83 -18.32
C SER A 62 29.25 16.17 -19.66
N ALA A 63 29.97 17.30 -19.78
CA ALA A 63 30.61 17.74 -21.06
C ALA A 63 31.51 16.65 -21.67
N GLU A 64 32.32 15.95 -20.87
CA GLU A 64 33.21 14.87 -21.43
C GLU A 64 32.39 13.72 -22.03
N SER A 65 31.31 13.24 -21.40
CA SER A 65 30.47 12.19 -21.96
C SER A 65 29.74 12.71 -23.20
N ILE A 66 29.26 13.96 -23.15
CA ILE A 66 28.56 14.61 -24.29
C ILE A 66 29.47 14.63 -25.53
N ALA A 67 30.74 14.94 -25.32
CA ALA A 67 31.72 15.02 -26.43
C ALA A 67 32.06 13.59 -26.89
N HIS A 68 32.23 12.63 -25.99
CA HIS A 68 32.41 11.22 -26.37
C HIS A 68 31.29 10.79 -27.31
N TRP A 69 30.04 11.14 -26.99
CA TRP A 69 28.90 10.70 -27.79
C TRP A 69 28.94 11.39 -29.15
N ALA A 70 29.15 12.69 -29.17
CA ALA A 70 29.19 13.56 -30.38
C ALA A 70 30.23 13.01 -31.35
N HIS A 71 31.42 12.70 -30.85
CA HIS A 71 32.49 12.17 -31.74
C HIS A 71 32.16 10.73 -32.22
N ALA A 72 31.45 9.89 -31.48
CA ALA A 72 31.07 8.50 -31.83
C ALA A 72 29.82 8.48 -32.72
N HIS A 73 28.98 9.54 -32.66
CA HIS A 73 27.69 9.57 -33.38
C HIS A 73 27.51 10.98 -33.98
N PRO A 74 28.40 11.46 -34.87
CA PRO A 74 28.35 12.86 -35.26
C PRO A 74 26.99 13.13 -35.91
N GLY A 75 26.34 14.13 -35.34
CA GLY A 75 25.11 14.69 -35.93
C GLY A 75 23.87 13.95 -35.54
N ARG A 76 23.94 12.91 -34.68
CA ARG A 76 22.81 12.00 -34.34
C ARG A 76 22.71 11.71 -32.84
N GLY A 77 21.47 11.72 -32.35
CA GLY A 77 21.03 11.06 -31.11
C GLY A 77 21.36 11.77 -29.80
N LEU A 78 21.86 13.00 -29.79
CA LEU A 78 22.30 13.71 -28.56
C LEU A 78 21.29 14.78 -28.17
N GLY A 79 20.76 14.61 -26.97
CA GLY A 79 20.03 15.63 -26.22
C GLY A 79 20.80 16.08 -25.00
N VAL A 80 21.01 17.35 -24.83
CA VAL A 80 21.72 17.94 -23.65
C VAL A 80 20.69 18.71 -22.82
N VAL A 81 20.60 18.38 -21.54
CA VAL A 81 19.54 18.91 -20.63
C VAL A 81 20.15 19.96 -19.72
N LEU A 82 19.65 21.18 -19.81
CA LEU A 82 20.16 22.35 -19.09
C LEU A 82 19.54 22.37 -17.68
N THR A 83 20.31 21.94 -16.69
CA THR A 83 19.73 21.68 -15.35
C THR A 83 19.94 22.85 -14.39
N GLY A 84 20.69 23.89 -14.73
CA GLY A 84 20.74 25.05 -13.82
C GLY A 84 21.97 25.91 -14.00
N THR A 85 23.08 25.59 -13.33
CA THR A 85 24.31 26.41 -13.34
C THR A 85 24.96 26.43 -14.72
N ASP A 86 24.69 25.42 -15.56
CA ASP A 86 25.08 25.44 -16.99
C ASP A 86 24.38 26.63 -17.66
N LEU A 87 23.04 26.67 -17.64
CA LEU A 87 22.22 27.68 -18.35
C LEU A 87 22.42 29.09 -17.79
N TYR A 88 22.47 29.19 -16.47
CA TYR A 88 22.38 30.48 -15.76
C TYR A 88 23.75 30.87 -15.21
N GLN A 89 24.82 30.23 -15.61
CA GLN A 89 26.18 30.56 -15.09
C GLN A 89 27.19 30.24 -16.18
N ASP A 90 27.36 28.96 -16.45
CA ASP A 90 28.56 28.40 -17.12
C ASP A 90 28.56 28.75 -18.62
N ILE A 91 27.41 28.69 -19.31
CA ILE A 91 27.45 28.84 -20.80
C ILE A 91 27.94 30.24 -21.17
N GLY A 92 27.80 31.22 -20.26
CA GLY A 92 28.43 32.55 -20.31
C GLY A 92 29.80 32.45 -20.95
N SER A 93 30.78 31.86 -20.25
CA SER A 93 32.22 31.89 -20.59
C SER A 93 32.88 30.51 -20.58
N ASP A 94 32.17 29.44 -20.22
CA ASP A 94 32.75 28.08 -20.00
C ASP A 94 32.81 27.32 -21.31
N PRO A 95 34.03 27.01 -21.81
CA PRO A 95 34.18 26.41 -23.12
C PRO A 95 33.58 24.99 -23.22
N GLN A 96 33.58 24.25 -22.12
CA GLN A 96 32.97 22.89 -22.08
C GLN A 96 31.47 23.04 -22.34
N ALA A 97 30.81 23.90 -21.57
CA ALA A 97 29.34 24.13 -21.67
C ALA A 97 29.05 24.61 -23.12
N GLN A 98 29.84 25.53 -23.65
CA GLN A 98 29.66 26.04 -25.05
C GLN A 98 29.74 24.89 -26.04
N ARG A 99 30.75 24.01 -25.93
CA ARG A 99 30.89 22.85 -26.84
C ARG A 99 29.67 21.94 -26.78
N SER A 100 29.16 21.66 -25.58
CA SER A 100 28.00 20.77 -25.39
C SER A 100 26.78 21.36 -26.13
N LEU A 101 26.63 22.67 -26.07
CA LEU A 101 25.49 23.34 -26.71
C LEU A 101 25.62 23.18 -28.22
N GLN A 102 26.83 23.38 -28.73
CA GLN A 102 27.12 23.27 -30.18
C GLN A 102 26.84 21.85 -30.64
N LEU A 103 27.27 20.81 -29.91
CA LEU A 103 27.25 19.40 -30.36
C LEU A 103 25.84 18.75 -30.34
N ALA A 104 24.95 19.27 -29.50
CA ALA A 104 23.67 18.63 -29.23
C ALA A 104 22.81 18.68 -30.50
N GLN A 105 22.07 17.63 -30.74
CA GLN A 105 20.97 17.72 -31.75
C GLN A 105 19.79 18.45 -31.14
N ARG A 106 19.50 18.28 -29.85
CA ARG A 106 18.37 18.97 -29.15
C ARG A 106 18.89 19.44 -27.80
N LEU A 107 18.43 20.61 -27.38
CA LEU A 107 18.68 21.11 -26.01
C LEU A 107 17.37 21.08 -25.26
N VAL A 108 17.43 20.66 -24.01
CA VAL A 108 16.19 20.57 -23.21
C VAL A 108 16.26 21.62 -22.11
N VAL A 109 15.25 22.44 -21.95
CA VAL A 109 15.13 23.34 -20.77
C VAL A 109 13.87 22.88 -20.02
N LEU A 110 13.87 23.08 -18.71
CA LEU A 110 12.87 22.43 -17.80
C LEU A 110 11.75 23.38 -17.42
N GLN A 111 11.70 24.55 -18.03
CA GLN A 111 10.54 25.46 -17.91
C GLN A 111 10.55 26.46 -19.06
N ALA A 112 9.44 27.20 -19.22
CA ALA A 112 9.11 28.00 -20.42
C ALA A 112 10.16 29.07 -20.73
N LEU A 113 10.85 29.60 -19.73
CA LEU A 113 11.75 30.77 -19.87
C LEU A 113 13.15 30.32 -20.26
N GLY A 114 13.47 29.02 -20.13
CA GLY A 114 14.85 28.52 -20.32
C GLY A 114 15.54 29.08 -21.54
N ALA A 115 14.91 29.00 -22.70
CA ALA A 115 15.61 29.26 -23.98
C ALA A 115 15.98 30.74 -24.03
N GLU A 116 15.39 31.59 -23.18
CA GLU A 116 15.75 33.04 -23.18
C GLU A 116 17.22 33.22 -22.78
N ALA A 117 17.76 32.26 -22.03
CA ALA A 117 19.14 32.32 -21.51
C ALA A 117 20.09 31.70 -22.55
N LEU A 118 19.58 31.00 -23.58
CA LEU A 118 20.44 30.35 -24.61
C LEU A 118 20.81 31.42 -25.61
N PRO A 119 21.96 31.27 -26.30
CA PRO A 119 22.21 32.06 -27.51
C PRO A 119 21.10 31.87 -28.53
N PRO A 120 20.70 32.91 -29.33
CA PRO A 120 19.64 32.80 -30.34
C PRO A 120 19.88 31.68 -31.34
N GLU A 121 21.14 31.40 -31.71
CA GLU A 121 21.46 30.32 -32.66
C GLU A 121 21.21 28.91 -32.09
N CYS A 122 20.98 28.78 -30.77
CA CYS A 122 20.68 27.51 -30.08
C CYS A 122 19.17 27.37 -29.85
N ARG A 123 18.35 28.41 -30.14
CA ARG A 123 16.92 28.36 -29.78
C ARG A 123 16.09 27.45 -30.70
N ALA A 124 16.43 27.29 -31.99
CA ALA A 124 15.66 26.46 -32.92
C ALA A 124 15.60 24.99 -32.47
N LYS A 125 16.68 24.45 -31.87
CA LYS A 125 16.75 23.04 -31.41
C LYS A 125 16.50 22.85 -29.90
N ALA A 126 15.98 23.89 -29.25
CA ALA A 126 15.63 23.86 -27.80
C ALA A 126 14.19 23.34 -27.68
N ARG A 127 13.97 22.56 -26.66
CA ARG A 127 12.69 21.88 -26.37
C ARG A 127 12.41 22.10 -24.89
N VAL A 128 11.16 22.42 -24.53
CA VAL A 128 10.79 22.56 -23.10
C VAL A 128 10.19 21.27 -22.61
N VAL A 129 10.72 20.76 -21.51
CA VAL A 129 10.17 19.56 -20.89
C VAL A 129 9.98 19.95 -19.42
N TYR A 130 8.80 20.47 -19.06
CA TYR A 130 8.48 20.66 -17.63
C TYR A 130 8.66 19.32 -16.91
N GLN A 131 9.18 19.37 -15.68
CA GLN A 131 9.25 18.13 -14.86
C GLN A 131 7.89 17.84 -14.28
N SER A 132 7.79 16.66 -13.67
CA SER A 132 6.54 16.13 -13.09
C SER A 132 6.81 15.48 -11.74
N THR A 133 5.76 15.34 -10.97
CA THR A 133 5.78 14.75 -9.62
C THR A 133 4.37 14.24 -9.37
N SER A 134 4.22 13.23 -8.53
CA SER A 134 2.89 12.77 -8.09
C SER A 134 2.25 13.81 -7.15
N ALA A 135 0.94 13.84 -7.21
CA ALA A 135 0.12 14.74 -6.39
C ALA A 135 -0.05 14.14 -5.00
N ARG A 136 -0.30 15.02 -4.04
CA ARG A 136 -0.75 14.68 -2.67
C ARG A 136 -1.99 15.50 -2.40
N ALA A 137 -2.87 14.93 -1.58
CA ALA A 137 -4.12 15.55 -1.10
C ALA A 137 -3.77 16.88 -0.43
N GLU A 138 -4.47 17.92 -0.82
CA GLU A 138 -4.36 19.26 -0.14
C GLU A 138 -4.94 19.03 1.25
N LEU A 139 -4.13 19.28 2.28
CA LEU A 139 -4.53 19.11 3.70
C LEU A 139 -5.16 20.41 4.17
N PRO A 140 -6.27 20.34 4.92
CA PRO A 140 -6.70 21.46 5.75
C PRO A 140 -5.67 21.73 6.84
N LYS A 141 -5.47 23.01 7.18
CA LYS A 141 -4.38 23.38 8.11
C LYS A 141 -4.90 24.36 9.16
N SER A 142 -4.14 24.44 10.23
CA SER A 142 -4.50 25.29 11.41
C SER A 142 -4.28 26.78 11.09
N ALA A 143 -5.10 27.66 11.67
CA ALA A 143 -4.85 29.13 11.65
C ALA A 143 -4.06 29.55 12.91
N ARG A 144 -3.68 28.65 13.82
CA ARG A 144 -3.08 29.08 15.13
C ARG A 144 -1.65 29.59 14.92
N GLN A 145 -0.94 29.07 13.91
CA GLN A 145 0.49 29.39 13.65
C GLN A 145 0.70 29.32 12.13
N LEU A 146 1.71 30.01 11.62
CA LEU A 146 2.15 29.83 10.20
C LEU A 146 3.39 28.95 10.26
N ARG A 147 3.40 27.82 9.54
CA ARG A 147 4.62 26.98 9.42
C ARG A 147 5.09 27.04 7.96
N ALA A 148 6.29 27.56 7.76
CA ALA A 148 7.00 27.59 6.47
C ALA A 148 8.04 26.48 6.45
N VAL A 149 8.31 25.97 5.24
CA VAL A 149 9.42 25.03 5.01
C VAL A 149 10.21 25.48 3.78
N MET A 150 11.50 25.30 3.82
CA MET A 150 12.39 25.47 2.68
C MET A 150 13.19 24.16 2.52
N VAL A 151 13.34 23.70 1.30
CA VAL A 151 14.00 22.44 1.03
C VAL A 151 15.12 22.65 0.03
N GLY A 152 16.33 22.33 0.41
CA GLY A 152 17.48 22.30 -0.49
C GLY A 152 18.75 22.00 0.25
N HIS A 153 19.56 21.09 -0.26
CA HIS A 153 20.91 20.85 0.27
C HIS A 153 21.63 22.20 0.25
N LEU A 154 22.25 22.55 1.37
CA LEU A 154 22.79 23.92 1.53
C LEU A 154 23.98 24.08 0.59
N ARG A 155 23.81 24.97 -0.33
CA ARG A 155 24.89 25.44 -1.22
C ARG A 155 24.60 26.88 -1.62
N GLN A 156 25.65 27.60 -2.02
CA GLN A 156 25.50 29.05 -2.25
C GLN A 156 24.38 29.34 -3.25
N VAL A 157 24.16 28.50 -4.28
CA VAL A 157 23.19 28.73 -5.39
C VAL A 157 21.77 28.75 -4.81
N LYS A 158 21.57 28.09 -3.64
CA LYS A 158 20.25 28.10 -2.97
C LYS A 158 20.02 29.36 -2.13
N SER A 159 21.00 30.27 -2.07
CA SER A 159 20.92 31.56 -1.34
C SER A 159 20.22 31.32 0.02
N PRO A 160 20.73 30.38 0.86
CA PRO A 160 20.11 30.08 2.14
C PRO A 160 20.23 31.30 3.07
N GLN A 161 21.24 32.16 2.86
CA GLN A 161 21.35 33.37 3.70
C GLN A 161 20.09 34.24 3.67
N THR A 162 19.34 34.23 2.57
CA THR A 162 18.12 35.05 2.53
C THR A 162 17.12 34.55 3.56
N LEU A 163 16.92 33.23 3.57
CA LEU A 163 16.09 32.58 4.61
C LEU A 163 16.66 32.85 6.01
N PHE A 164 17.94 32.66 6.23
CA PHE A 164 18.53 32.87 7.58
C PHE A 164 18.18 34.28 8.03
N ASP A 165 18.34 35.23 7.10
CA ASP A 165 18.14 36.66 7.46
C ASP A 165 16.67 37.01 7.71
N ALA A 166 15.73 36.39 6.97
CA ALA A 166 14.28 36.56 7.20
C ALA A 166 13.91 35.90 8.53
N ALA A 167 14.45 34.74 8.83
CA ALA A 167 14.19 34.05 10.11
C ALA A 167 14.66 34.98 11.24
N ARG A 168 15.80 35.62 11.05
CA ARG A 168 16.34 36.52 12.08
C ARG A 168 15.43 37.73 12.25
N LEU A 169 14.94 38.33 11.17
CA LEU A 169 13.97 39.45 11.28
C LEU A 169 12.76 39.04 12.10
N LEU A 170 12.35 37.77 11.98
CA LEU A 170 11.16 37.23 12.65
C LEU A 170 11.53 36.49 13.96
N CYS A 171 12.71 36.69 14.54
CA CYS A 171 13.25 35.87 15.68
C CYS A 171 12.25 35.84 16.84
N GLY A 172 11.56 36.95 17.11
CA GLY A 172 10.66 37.12 18.27
C GLY A 172 9.23 36.70 17.99
N ARG A 173 8.92 36.32 16.75
CA ARG A 173 7.54 35.97 16.30
C ARG A 173 7.30 34.50 16.60
N GLU A 174 6.64 34.21 17.72
CA GLU A 174 6.40 32.82 18.17
C GLU A 174 5.35 32.16 17.29
N ASP A 175 4.62 32.96 16.52
CA ASP A 175 3.44 32.56 15.71
C ASP A 175 3.85 32.20 14.29
N ILE A 176 5.15 32.21 14.02
CA ILE A 176 5.71 31.87 12.69
C ILE A 176 6.90 30.92 12.92
N ARG A 177 6.87 29.77 12.26
CA ARG A 177 7.87 28.71 12.38
C ARG A 177 8.45 28.53 10.99
N ILE A 178 9.74 28.30 10.97
CA ILE A 178 10.47 28.05 9.68
C ILE A 178 11.28 26.77 9.87
N ASP A 179 10.93 25.70 9.15
CA ASP A 179 11.76 24.49 9.05
C ASP A 179 12.57 24.48 7.74
N HIS A 180 13.80 24.02 7.83
CA HIS A 180 14.75 24.05 6.72
C HIS A 180 15.37 22.69 6.60
N ILE A 181 15.16 22.08 5.45
CA ILE A 181 15.58 20.70 5.18
C ILE A 181 16.69 20.76 4.13
N GLY A 182 17.78 20.03 4.36
CA GLY A 182 18.92 19.90 3.43
C GLY A 182 20.24 19.64 4.14
N ASP A 183 21.11 18.94 3.47
CA ASP A 183 22.46 18.61 4.02
C ASP A 183 23.30 19.89 4.20
N ALA A 184 24.39 19.81 4.98
CA ALA A 184 25.31 20.95 5.23
C ALA A 184 26.47 20.97 4.21
N GLY A 185 26.20 20.99 2.91
CA GLY A 185 27.22 20.92 1.84
C GLY A 185 28.30 21.98 1.92
N ASP A 186 28.10 23.11 1.21
CA ASP A 186 29.08 24.22 1.03
C ASP A 186 29.59 24.67 2.40
N ALA A 187 30.88 25.04 2.45
CA ALA A 187 31.68 25.34 3.66
C ALA A 187 30.95 26.41 4.49
N GLY A 188 30.55 25.98 5.69
CA GLY A 188 30.11 26.83 6.79
C GLY A 188 28.64 27.21 6.70
N LEU A 189 27.85 26.73 5.71
CA LEU A 189 26.43 27.16 5.68
C LEU A 189 25.66 26.44 6.80
N GLY A 190 25.98 25.18 7.08
CA GLY A 190 25.31 24.42 8.15
C GLY A 190 25.64 25.03 9.51
N GLU A 191 26.86 25.54 9.68
CA GLU A 191 27.21 26.31 10.91
C GLU A 191 26.35 27.58 11.11
N LEU A 192 26.15 28.41 10.07
CA LEU A 192 25.22 29.56 10.11
C LEU A 192 23.82 29.03 10.52
N ALA A 193 23.35 27.95 9.88
CA ALA A 193 22.02 27.41 10.21
C ALA A 193 21.97 26.95 11.69
N ARG A 194 23.02 26.30 12.19
CA ARG A 194 23.03 25.80 13.59
C ARG A 194 22.97 27.01 14.56
N ALA A 195 23.78 28.02 14.32
CA ALA A 195 23.85 29.21 15.20
C ALA A 195 22.49 29.89 15.24
N LEU A 196 21.87 30.06 14.07
CA LEU A 196 20.54 30.71 13.98
C LEU A 196 19.52 29.90 14.76
N ALA A 197 19.48 28.57 14.61
CA ALA A 197 18.48 27.74 15.30
C ALA A 197 18.73 27.81 16.81
N SER A 198 19.98 28.05 17.21
CA SER A 198 20.29 28.14 18.67
C SER A 198 19.65 29.45 19.18
N ASP A 199 19.69 30.53 18.40
CA ASP A 199 19.25 31.89 18.82
C ASP A 199 17.75 32.14 18.61
N CYS A 200 17.16 31.48 17.62
CA CYS A 200 15.85 31.82 17.09
C CYS A 200 15.04 30.53 17.02
N PRO A 201 14.35 30.19 18.10
CA PRO A 201 13.76 28.85 18.24
C PRO A 201 12.61 28.56 17.24
N GLY A 202 12.06 29.58 16.60
CA GLY A 202 11.06 29.37 15.53
C GLY A 202 11.72 28.83 14.28
N TYR A 203 13.02 28.97 14.15
CA TYR A 203 13.81 28.44 12.99
C TYR A 203 14.45 27.12 13.36
N ARG A 204 14.21 26.05 12.59
CA ARG A 204 14.90 24.77 12.81
C ARG A 204 15.59 24.35 11.53
N TRP A 205 16.84 23.91 11.63
CA TRP A 205 17.54 23.24 10.52
C TRP A 205 17.53 21.74 10.78
N LEU A 206 16.77 21.00 9.98
CA LEU A 206 16.51 19.57 10.21
C LEU A 206 17.61 18.71 9.60
N GLY A 207 18.54 19.28 8.84
CA GLY A 207 19.53 18.48 8.10
C GLY A 207 18.86 17.83 6.92
N ALA A 208 19.54 16.89 6.29
CA ALA A 208 19.00 16.14 5.13
C ALA A 208 17.96 15.14 5.64
N LEU A 209 16.85 14.99 4.93
CA LEU A 209 15.80 14.03 5.30
C LEU A 209 15.55 13.21 4.05
N PRO A 210 15.10 11.96 4.31
CA PRO A 210 14.70 11.16 3.17
C PRO A 210 13.56 11.82 2.39
N HIS A 211 13.50 11.53 1.11
CA HIS A 211 12.46 12.12 0.22
C HIS A 211 11.02 11.86 0.70
N ALA A 212 10.69 10.66 1.22
CA ALA A 212 9.29 10.38 1.67
C ALA A 212 8.89 11.38 2.76
N GLN A 213 9.80 11.56 3.72
CA GLN A 213 9.58 12.46 4.87
C GLN A 213 9.51 13.92 4.38
N THR A 214 10.37 14.27 3.44
CA THR A 214 10.44 15.64 2.84
C THR A 214 9.09 15.96 2.16
N ARG A 215 8.57 15.08 1.33
CA ARG A 215 7.26 15.29 0.67
C ARG A 215 6.16 15.47 1.73
N GLN A 216 6.19 14.68 2.82
CA GLN A 216 5.18 14.76 3.90
C GLN A 216 5.31 16.14 4.57
N ARG A 217 6.52 16.59 4.81
CA ARG A 217 6.68 17.92 5.45
C ARG A 217 6.25 19.04 4.53
N ILE A 218 6.50 18.93 3.25
CA ILE A 218 6.05 19.96 2.27
C ILE A 218 4.50 20.02 2.28
N GLN A 219 3.83 18.85 2.24
CA GLN A 219 2.36 18.76 2.26
C GLN A 219 1.79 19.42 3.51
N ARG A 220 2.46 19.26 4.65
CA ARG A 220 1.92 19.66 5.98
C ARG A 220 2.15 21.18 6.21
N ALA A 221 3.24 21.74 5.68
CA ALA A 221 3.52 23.19 5.80
C ALA A 221 2.46 24.08 5.15
N HIS A 222 2.21 25.27 5.73
CA HIS A 222 1.32 26.28 5.15
C HIS A 222 1.91 26.82 3.85
N VAL A 223 3.24 26.88 3.78
CA VAL A 223 3.89 27.56 2.66
C VAL A 223 5.30 27.02 2.46
N LEU A 224 5.77 26.95 1.22
CA LEU A 224 7.14 26.59 0.83
C LEU A 224 7.87 27.87 0.40
N VAL A 225 8.99 28.13 1.03
CA VAL A 225 9.88 29.28 0.69
C VAL A 225 11.07 28.77 -0.13
N HIS A 226 11.41 29.44 -1.23
CA HIS A 226 12.52 29.03 -2.10
C HIS A 226 13.26 30.27 -2.57
N THR A 227 14.50 30.40 -2.14
CA THR A 227 15.27 31.69 -2.22
C THR A 227 16.32 31.67 -3.34
N SER A 228 16.46 30.64 -4.19
CA SER A 228 17.69 30.38 -4.96
C SER A 228 18.05 31.59 -5.85
N ALA A 229 19.33 31.69 -6.19
CA ALA A 229 19.87 32.63 -7.18
C ALA A 229 19.48 32.19 -8.60
N LEU A 230 19.38 30.89 -8.78
CA LEU A 230 19.05 30.31 -10.10
C LEU A 230 18.47 28.93 -9.82
N GLU A 231 17.65 28.48 -10.77
CA GLU A 231 17.19 27.08 -10.83
C GLU A 231 17.00 26.69 -12.31
N GLY A 232 17.27 25.43 -12.67
CA GLY A 232 16.83 24.91 -13.99
C GLY A 232 15.32 24.77 -14.00
N GLY A 233 14.73 24.36 -12.87
CA GLY A 233 13.28 24.11 -12.70
C GLY A 233 13.09 23.22 -11.52
N ALA A 234 13.00 23.80 -10.34
CA ALA A 234 13.19 23.10 -9.05
C ALA A 234 12.12 22.08 -8.72
N HIS A 235 12.51 20.85 -8.37
CA HIS A 235 11.55 19.79 -7.94
C HIS A 235 10.76 20.30 -6.76
N VAL A 236 11.41 20.98 -5.80
CA VAL A 236 10.67 21.29 -4.55
C VAL A 236 9.51 22.23 -4.84
N ILE A 237 9.62 23.13 -5.82
CA ILE A 237 8.46 24.02 -6.15
C ILE A 237 7.28 23.16 -6.65
N MET A 238 7.51 22.22 -7.59
CA MET A 238 6.38 21.36 -8.06
C MET A 238 5.85 20.44 -6.97
N GLU A 239 6.73 19.94 -6.10
CA GLU A 239 6.30 19.11 -4.97
C GLU A 239 5.32 19.89 -4.10
N ALA A 240 5.61 21.15 -3.78
CA ALA A 240 4.63 21.99 -3.04
C ALA A 240 3.33 22.19 -3.84
N VAL A 241 3.47 22.65 -5.09
CA VAL A 241 2.29 22.97 -5.92
C VAL A 241 1.37 21.76 -5.98
N ARG A 242 1.94 20.59 -6.27
CA ARG A 242 1.17 19.33 -6.44
C ARG A 242 0.75 18.71 -5.11
N SER A 243 1.08 19.32 -3.98
CA SER A 243 0.50 19.04 -2.64
C SER A 243 -0.53 20.07 -2.16
N GLY A 244 -0.83 21.11 -2.94
CA GLY A 244 -1.68 22.24 -2.54
C GLY A 244 -1.03 23.11 -1.49
N THR A 245 0.30 23.13 -1.46
CA THR A 245 1.11 24.02 -0.59
C THR A 245 1.60 25.19 -1.44
N PRO A 246 1.16 26.44 -1.19
CA PRO A 246 1.60 27.62 -1.97
C PRO A 246 3.07 27.92 -1.68
N VAL A 247 3.64 28.75 -2.56
CA VAL A 247 5.08 29.05 -2.58
C VAL A 247 5.37 30.54 -2.47
N LEU A 248 6.44 30.84 -1.74
CA LEU A 248 7.11 32.17 -1.79
C LEU A 248 8.46 31.96 -2.45
N ALA A 249 8.72 32.64 -3.59
CA ALA A 249 9.94 32.34 -4.33
C ALA A 249 10.70 33.61 -4.75
N SER A 250 11.99 33.51 -4.78
CA SER A 250 12.88 34.52 -5.41
C SER A 250 12.46 34.71 -6.88
N ARG A 251 12.39 35.97 -7.32
CA ARG A 251 12.08 36.32 -8.71
C ARG A 251 13.32 36.11 -9.57
N VAL A 252 13.61 34.84 -9.91
CA VAL A 252 14.71 34.49 -10.85
C VAL A 252 14.05 33.64 -11.92
N PRO A 253 14.63 33.56 -13.15
CA PRO A 253 13.87 32.95 -14.25
C PRO A 253 13.40 31.51 -13.96
N GLY A 254 14.25 30.64 -13.45
CA GLY A 254 13.89 29.23 -13.21
C GLY A 254 12.65 29.15 -12.33
N ASN A 255 12.53 30.03 -11.36
CA ASN A 255 11.36 30.05 -10.45
C ASN A 255 10.17 30.63 -11.20
N VAL A 256 10.34 31.72 -11.95
CA VAL A 256 9.18 32.35 -12.64
C VAL A 256 8.64 31.38 -13.69
N GLY A 257 9.50 30.63 -14.32
CA GLY A 257 9.08 29.64 -15.30
C GLY A 257 8.20 28.58 -14.67
N MET A 258 8.45 28.25 -13.39
CA MET A 258 7.60 27.23 -12.71
C MET A 258 6.30 27.86 -12.24
N LEU A 259 6.31 29.08 -11.69
CA LEU A 259 5.10 29.59 -10.97
C LEU A 259 4.26 30.56 -11.82
N GLY A 260 4.80 31.06 -12.95
CA GLY A 260 4.01 31.89 -13.87
C GLY A 260 4.38 33.36 -13.79
N ASN A 261 4.26 34.10 -14.88
CA ASN A 261 4.57 35.55 -14.94
C ASN A 261 3.68 36.37 -13.98
N ASP A 262 2.44 35.94 -13.69
CA ASP A 262 1.41 36.73 -12.96
C ASP A 262 1.39 36.29 -11.48
N TYR A 263 2.29 35.40 -11.08
CA TYR A 263 2.27 34.90 -9.67
C TYR A 263 2.51 36.01 -8.64
N ALA A 264 1.75 35.99 -7.52
CA ALA A 264 1.71 37.06 -6.50
C ALA A 264 2.66 36.77 -5.33
N GLY A 265 3.48 35.71 -5.44
CA GLY A 265 4.29 35.22 -4.33
C GLY A 265 5.78 35.37 -4.54
N TYR A 266 6.25 36.28 -5.39
CA TYR A 266 7.68 36.52 -5.54
C TYR A 266 8.19 37.62 -4.58
N PHE A 267 9.48 37.50 -4.29
CA PHE A 267 10.28 38.58 -3.67
C PHE A 267 11.54 38.74 -4.50
N PRO A 268 12.14 39.95 -4.52
CA PRO A 268 13.40 40.08 -5.24
C PRO A 268 14.50 39.23 -4.66
N HIS A 269 15.33 38.66 -5.53
CA HIS A 269 16.45 37.83 -5.10
C HIS A 269 17.29 38.54 -4.03
N GLY A 270 17.57 37.87 -2.91
CA GLY A 270 18.41 38.33 -1.78
C GLY A 270 17.71 39.35 -0.90
N ASP A 271 16.44 39.65 -1.11
CA ASP A 271 15.72 40.65 -0.31
C ASP A 271 15.04 39.93 0.87
N ALA A 272 15.79 39.71 1.95
CA ALA A 272 15.28 39.11 3.22
C ALA A 272 14.08 39.91 3.78
N ALA A 273 14.11 41.24 3.84
CA ALA A 273 12.97 42.03 4.34
C ALA A 273 11.68 41.72 3.53
N ALA A 274 11.78 41.51 2.20
CA ALA A 274 10.64 41.35 1.32
C ALA A 274 10.05 39.97 1.61
N LEU A 275 10.94 39.01 1.81
CA LEU A 275 10.52 37.64 2.18
C LEU A 275 9.84 37.66 3.57
N ALA A 276 10.45 38.29 4.56
CA ALA A 276 9.84 38.42 5.90
C ALA A 276 8.47 39.11 5.82
N ALA A 277 8.34 40.17 5.00
CA ALA A 277 7.06 40.88 4.80
C ALA A 277 5.99 39.92 4.22
N LEU A 278 6.36 39.08 3.24
CA LEU A 278 5.41 38.10 2.67
C LEU A 278 5.02 37.09 3.76
N LEU A 279 5.94 36.65 4.61
CA LEU A 279 5.57 35.66 5.66
C LEU A 279 4.61 36.31 6.66
N GLU A 280 4.85 37.59 7.03
CA GLU A 280 3.94 38.37 7.91
C GLU A 280 2.56 38.48 7.25
N ALA A 281 2.49 38.71 5.95
CA ALA A 281 1.21 38.84 5.21
C ALA A 281 0.49 37.50 5.21
N CYS A 282 1.19 36.40 4.96
CA CYS A 282 0.62 35.02 5.02
C CYS A 282 0.01 34.79 6.43
N ARG A 283 0.73 35.12 7.48
CA ARG A 283 0.29 34.96 8.86
C ARG A 283 -0.91 35.86 9.15
N ALA A 284 -0.83 37.14 8.79
CA ALA A 284 -1.94 38.11 8.98
C ALA A 284 -3.23 37.58 8.35
N GLY A 285 -3.16 36.96 7.16
CA GLY A 285 -4.30 36.46 6.40
C GLY A 285 -4.98 35.27 7.05
N GLN A 286 -4.31 34.51 7.94
CA GLN A 286 -4.89 33.28 8.56
C GLN A 286 -6.08 33.68 9.46
N GLY A 287 -7.06 32.78 9.60
CA GLY A 287 -8.28 32.97 10.42
C GLY A 287 -9.54 32.54 9.68
N ALA A 293 -9.68 36.27 1.32
CA ALA A 293 -8.96 37.55 1.25
C ALA A 293 -7.48 37.35 1.56
N GLY A 294 -7.10 36.28 2.25
CA GLY A 294 -5.71 36.16 2.74
C GLY A 294 -4.75 35.79 1.62
N LEU A 295 -3.51 36.19 1.79
CA LEU A 295 -2.45 35.93 0.78
C LEU A 295 -2.34 34.42 0.54
N LEU A 296 -2.27 33.57 1.58
CA LEU A 296 -2.12 32.11 1.36
C LEU A 296 -3.24 31.65 0.42
N ASP A 297 -4.47 32.09 0.63
CA ASP A 297 -5.59 31.61 -0.21
C ASP A 297 -5.40 32.08 -1.67
N SER A 298 -4.96 33.31 -1.84
CA SER A 298 -4.65 33.91 -3.16
C SER A 298 -3.61 33.06 -3.86
N LEU A 299 -2.55 32.73 -3.12
CA LEU A 299 -1.45 31.97 -3.75
C LEU A 299 -1.91 30.53 -3.99
N ARG A 300 -2.73 29.93 -3.12
CA ARG A 300 -3.25 28.55 -3.35
C ARG A 300 -4.04 28.54 -4.68
N THR A 301 -4.87 29.55 -4.90
CA THR A 301 -5.66 29.65 -6.16
C THR A 301 -4.71 29.66 -7.37
N GLN A 302 -3.65 30.46 -7.33
CA GLN A 302 -2.68 30.60 -8.44
C GLN A 302 -1.90 29.29 -8.63
N CYS A 303 -1.57 28.63 -7.53
CA CYS A 303 -0.75 27.38 -7.55
C CYS A 303 -1.60 26.26 -8.13
N ALA A 304 -2.92 26.29 -7.92
CA ALA A 304 -3.81 25.21 -8.39
C ALA A 304 -3.89 25.27 -9.91
N LEU A 305 -3.73 26.46 -10.50
CA LEU A 305 -3.72 26.60 -11.99
C LEU A 305 -2.41 26.12 -12.59
N ARG A 306 -1.32 26.08 -11.82
CA ARG A 306 -0.01 25.63 -12.30
C ARG A 306 0.02 24.12 -12.24
N ALA A 307 -0.65 23.48 -11.26
CA ALA A 307 -0.45 22.07 -10.89
C ALA A 307 -0.51 21.14 -12.11
N PRO A 308 -1.42 21.32 -13.10
CA PRO A 308 -1.39 20.42 -14.24
C PRO A 308 -0.13 20.46 -15.12
N LEU A 309 0.70 21.46 -15.02
CA LEU A 309 1.99 21.50 -15.76
C LEU A 309 2.81 20.31 -15.30
N PHE A 310 2.65 19.84 -14.06
CA PHE A 310 3.60 18.89 -13.44
C PHE A 310 3.01 17.46 -13.40
N ASP A 311 2.13 17.12 -14.35
CA ASP A 311 1.53 15.77 -14.40
C ASP A 311 2.47 14.85 -15.19
N PRO A 312 2.87 13.68 -14.63
CA PRO A 312 3.83 12.77 -15.30
C PRO A 312 3.37 12.35 -16.70
N ARG A 313 2.07 12.32 -16.97
CA ARG A 313 1.61 11.95 -18.33
C ARG A 313 2.03 13.01 -19.33
N ALA A 314 2.01 14.28 -18.91
CA ALA A 314 2.39 15.44 -19.70
C ALA A 314 3.90 15.37 -20.03
N GLU A 315 4.70 15.16 -18.99
CA GLU A 315 6.17 15.01 -19.14
C GLU A 315 6.47 13.81 -20.04
N GLN A 316 5.80 12.69 -19.80
CA GLN A 316 5.98 11.49 -20.65
C GLN A 316 5.70 11.85 -22.12
N ALA A 317 4.60 12.53 -22.43
CA ALA A 317 4.27 12.86 -23.83
C ALA A 317 5.37 13.74 -24.43
N ALA A 318 5.89 14.71 -23.65
CA ALA A 318 6.98 15.61 -24.13
C ALA A 318 8.27 14.78 -24.41
N LEU A 319 8.57 13.82 -23.54
CA LEU A 319 9.77 12.98 -23.70
C LEU A 319 9.59 12.02 -24.88
N PHE A 320 8.37 11.49 -25.07
CA PHE A 320 8.13 10.61 -26.24
C PHE A 320 8.45 11.41 -27.53
N GLN A 321 8.00 12.68 -27.62
CA GLN A 321 8.22 13.50 -28.81
C GLN A 321 9.73 13.73 -29.04
N LEU A 322 10.41 14.08 -27.97
CA LEU A 322 11.86 14.33 -27.95
C LEU A 322 12.61 13.08 -28.42
N LEU A 323 12.29 11.92 -27.91
CA LEU A 323 12.94 10.64 -28.27
C LEU A 323 12.74 10.44 -29.78
N ASN A 324 11.52 10.63 -30.29
CA ASN A 324 11.26 10.35 -31.72
C ASN A 324 12.10 11.32 -32.56
N GLU A 325 12.33 12.54 -32.09
CA GLU A 325 13.19 13.51 -32.81
C GLU A 325 14.65 13.06 -32.83
N LEU A 326 15.11 12.41 -31.75
CA LEU A 326 16.54 12.04 -31.61
C LEU A 326 16.80 10.69 -32.29
N GLN A 327 15.77 9.87 -32.51
CA GLN A 327 15.86 8.65 -33.36
C GLN A 327 14.58 8.49 -34.19
N ASN B 3 -20.75 -24.88 43.68
CA ASN B 3 -20.29 -26.27 43.49
C ASN B 3 -19.20 -26.29 42.42
N PRO B 4 -19.39 -25.85 41.15
CA PRO B 4 -18.26 -25.91 40.23
C PRO B 4 -17.01 -25.16 40.71
N SER B 5 -15.87 -25.54 40.15
CA SER B 5 -14.60 -24.76 40.24
C SER B 5 -14.25 -24.26 38.83
N LEU B 6 -14.48 -22.99 38.61
CA LEU B 6 -14.33 -22.35 37.30
C LEU B 6 -12.93 -21.79 37.17
N VAL B 7 -12.28 -22.07 36.05
CA VAL B 7 -11.04 -21.37 35.65
C VAL B 7 -11.34 -20.54 34.43
N ILE B 8 -10.98 -19.25 34.51
CA ILE B 8 -11.11 -18.28 33.40
C ILE B 8 -9.70 -18.06 32.88
N VAL B 9 -9.49 -18.37 31.63
CA VAL B 9 -8.19 -18.20 30.93
C VAL B 9 -8.26 -16.89 30.18
N SER B 10 -7.39 -15.94 30.55
CA SER B 10 -7.36 -14.63 29.87
C SER B 10 -5.95 -14.34 29.42
N PRO B 11 -5.73 -13.99 28.14
CA PRO B 11 -4.35 -13.75 27.72
C PRO B 11 -3.74 -12.44 28.25
N ALA B 12 -4.50 -11.59 28.97
CA ALA B 12 -3.99 -10.32 29.55
C ALA B 12 -2.98 -10.57 30.69
N LEU B 13 -1.96 -9.71 30.79
CA LEU B 13 -1.09 -9.63 31.99
C LEU B 13 -1.96 -9.21 33.18
N PRO B 14 -1.85 -9.85 34.38
CA PRO B 14 -2.60 -9.40 35.54
C PRO B 14 -2.40 -7.89 35.81
N GLY B 15 -3.49 -7.23 36.18
CA GLY B 15 -3.55 -5.78 36.41
C GLY B 15 -3.63 -4.96 35.13
N ALA B 16 -3.58 -5.56 33.92
CA ALA B 16 -3.61 -4.76 32.65
C ALA B 16 -4.91 -3.95 32.59
N ASN B 17 -4.83 -2.74 32.03
CA ASN B 17 -6.03 -1.90 31.81
C ASN B 17 -6.45 -2.13 30.36
N ASN B 18 -7.08 -3.29 30.09
CA ASN B 18 -7.58 -3.59 28.74
C ASN B 18 -8.81 -4.48 28.90
N GLY B 19 -9.44 -4.79 27.77
CA GLY B 19 -10.71 -5.54 27.75
C GLY B 19 -10.57 -6.92 28.32
N ASN B 20 -9.56 -7.68 27.94
CA ASN B 20 -9.53 -9.12 28.32
C ASN B 20 -9.38 -9.24 29.85
N TRP B 21 -8.53 -8.40 30.47
CA TRP B 21 -8.40 -8.39 31.95
C TRP B 21 -9.72 -7.99 32.60
N ARG B 22 -10.34 -6.88 32.12
CA ARG B 22 -11.62 -6.37 32.65
C ARG B 22 -12.72 -7.43 32.59
N THR B 23 -12.87 -8.10 31.44
CA THR B 23 -13.90 -9.16 31.31
C THR B 23 -13.61 -10.30 32.31
N ALA B 24 -12.36 -10.75 32.36
CA ALA B 24 -12.02 -11.90 33.25
C ALA B 24 -12.33 -11.54 34.71
N GLN B 25 -11.97 -10.35 35.18
CA GLN B 25 -12.21 -9.97 36.59
C GLN B 25 -13.71 -9.82 36.82
N ARG B 26 -14.41 -9.22 35.86
CA ARG B 26 -15.85 -8.99 36.00
C ARG B 26 -16.59 -10.34 36.08
N TRP B 27 -16.32 -11.25 35.14
CA TRP B 27 -16.89 -12.61 35.18
C TRP B 27 -16.59 -13.32 36.51
N LYS B 28 -15.37 -13.21 37.03
CA LYS B 28 -15.01 -13.86 38.30
C LYS B 28 -15.96 -13.32 39.37
N ALA B 29 -16.15 -12.01 39.39
CA ALA B 29 -17.00 -11.34 40.41
C ALA B 29 -18.47 -11.76 40.26
N LEU B 30 -18.99 -11.82 39.04
CA LEU B 30 -20.43 -12.06 38.82
C LEU B 30 -20.72 -13.54 39.12
N LEU B 31 -19.77 -14.43 38.91
CA LEU B 31 -20.03 -15.89 39.05
C LEU B 31 -19.67 -16.38 40.46
N SER B 32 -18.92 -15.62 41.26
CA SER B 32 -18.46 -16.06 42.60
C SER B 32 -19.64 -16.50 43.47
N PRO B 33 -20.88 -16.00 43.32
CA PRO B 33 -21.98 -16.53 44.12
C PRO B 33 -22.41 -17.98 43.90
N VAL B 34 -22.09 -18.57 42.76
CA VAL B 34 -22.51 -19.94 42.36
C VAL B 34 -21.31 -20.86 42.18
N CYS B 35 -20.07 -20.37 42.30
CA CYS B 35 -18.87 -21.21 42.03
C CYS B 35 -17.64 -20.60 42.67
N SER B 36 -16.59 -21.42 42.81
CA SER B 36 -15.21 -20.97 43.06
C SER B 36 -14.58 -20.60 41.71
N ALA B 37 -14.15 -19.35 41.56
CA ALA B 37 -13.71 -18.82 40.26
C ALA B 37 -12.31 -18.23 40.42
N ARG B 38 -11.44 -18.53 39.47
CA ARG B 38 -10.07 -17.99 39.43
C ARG B 38 -9.67 -17.68 37.99
N VAL B 39 -8.75 -16.74 37.84
CA VAL B 39 -8.25 -16.26 36.52
C VAL B 39 -6.79 -16.65 36.38
N VAL B 40 -6.43 -17.17 35.22
CA VAL B 40 -5.03 -17.57 34.89
C VAL B 40 -4.72 -17.10 33.47
N GLN B 41 -3.44 -17.07 33.05
CA GLN B 41 -3.06 -16.70 31.67
C GLN B 41 -2.92 -17.98 30.85
N GLN B 42 -2.63 -19.08 31.53
CA GLN B 42 -2.47 -20.39 30.85
C GLN B 42 -2.87 -21.53 31.80
N TRP B 43 -3.26 -22.64 31.18
CA TRP B 43 -3.77 -23.84 31.86
C TRP B 43 -3.11 -25.06 31.21
N PRO B 44 -2.63 -26.09 31.96
CA PRO B 44 -2.78 -26.22 33.39
C PRO B 44 -1.69 -25.54 34.23
N ASP B 45 -1.93 -25.49 35.53
CA ASP B 45 -0.97 -25.00 36.55
C ASP B 45 -1.05 -25.94 37.77
N ALA B 46 -0.41 -25.58 38.88
CA ALA B 46 -0.38 -26.46 40.07
C ALA B 46 -1.78 -26.75 40.64
N ASP B 47 -2.78 -25.90 40.38
CA ASP B 47 -4.13 -25.99 40.99
C ASP B 47 -5.12 -26.60 39.99
N ALA B 48 -4.66 -27.11 38.84
CA ALA B 48 -5.53 -27.46 37.69
C ALA B 48 -6.43 -28.66 38.02
N SER B 49 -6.00 -29.60 38.85
CA SER B 49 -6.79 -30.83 39.14
C SER B 49 -8.18 -30.56 39.73
N ALA B 50 -8.35 -29.48 40.48
CA ALA B 50 -9.60 -29.10 41.17
C ALA B 50 -10.57 -28.42 40.21
N ASP B 51 -10.13 -27.92 39.06
CA ASP B 51 -11.01 -27.16 38.11
C ASP B 51 -11.98 -28.13 37.44
N THR B 52 -13.25 -27.72 37.24
CA THR B 52 -14.34 -28.51 36.61
C THR B 52 -14.96 -27.84 35.37
N VAL B 53 -14.78 -26.54 35.20
CA VAL B 53 -15.27 -25.77 34.02
C VAL B 53 -14.20 -24.76 33.64
N MET B 54 -14.04 -24.59 32.36
CA MET B 54 -13.10 -23.58 31.79
C MET B 54 -13.91 -22.62 30.93
N LEU B 55 -13.65 -21.32 31.12
CA LEU B 55 -14.04 -20.29 30.13
C LEU B 55 -12.76 -19.66 29.66
N ALA B 56 -12.44 -19.86 28.39
CA ALA B 56 -11.17 -19.37 27.79
C ALA B 56 -11.41 -18.26 26.79
N LEU B 57 -10.76 -17.10 27.01
CA LEU B 57 -10.86 -15.90 26.13
C LEU B 57 -9.88 -15.98 24.96
N HIS B 58 -10.40 -15.86 23.74
CA HIS B 58 -9.67 -15.76 22.48
C HIS B 58 -9.27 -17.15 21.94
N ALA B 59 -9.95 -17.59 20.90
CA ALA B 59 -9.84 -18.95 20.33
C ALA B 59 -8.41 -19.21 19.81
N ARG B 60 -7.66 -18.15 19.44
CA ARG B 60 -6.26 -18.37 18.98
C ARG B 60 -5.29 -18.17 20.15
N ARG B 61 -5.37 -17.01 20.83
CA ARG B 61 -4.38 -16.66 21.90
C ARG B 61 -4.39 -17.68 23.02
N SER B 62 -5.55 -18.27 23.34
CA SER B 62 -5.64 -19.28 24.43
C SER B 62 -5.74 -20.69 23.85
N ALA B 63 -5.51 -20.86 22.57
CA ALA B 63 -5.71 -22.16 21.87
C ALA B 63 -4.91 -23.27 22.58
N GLU B 64 -3.69 -23.04 23.07
CA GLU B 64 -2.95 -24.21 23.67
C GLU B 64 -3.57 -24.62 25.01
N SER B 65 -4.09 -23.72 25.86
CA SER B 65 -4.75 -24.02 27.15
C SER B 65 -6.11 -24.69 26.84
N ILE B 66 -6.81 -24.14 25.83
CA ILE B 66 -8.09 -24.74 25.34
C ILE B 66 -7.87 -26.22 25.00
N ALA B 67 -6.87 -26.52 24.17
CA ALA B 67 -6.59 -27.94 23.76
C ALA B 67 -6.16 -28.77 24.97
N HIS B 68 -5.30 -28.24 25.83
CA HIS B 68 -4.94 -28.91 27.10
C HIS B 68 -6.20 -29.32 27.84
N TRP B 69 -7.19 -28.42 27.93
CA TRP B 69 -8.43 -28.70 28.67
C TRP B 69 -9.18 -29.83 27.95
N ALA B 70 -9.34 -29.68 26.64
CA ALA B 70 -10.16 -30.57 25.81
C ALA B 70 -9.63 -31.98 25.94
N HIS B 71 -8.29 -32.13 25.89
CA HIS B 71 -7.65 -33.47 25.94
C HIS B 71 -7.83 -34.05 27.36
N ALA B 72 -7.83 -33.23 28.38
CA ALA B 72 -7.94 -33.63 29.79
C ALA B 72 -9.37 -33.86 30.25
N HIS B 73 -10.35 -33.35 29.52
CA HIS B 73 -11.80 -33.43 29.80
C HIS B 73 -12.57 -33.58 28.50
N PRO B 74 -12.34 -34.63 27.66
CA PRO B 74 -12.99 -34.67 26.36
C PRO B 74 -14.53 -34.68 26.45
N GLY B 75 -15.11 -33.75 25.69
CA GLY B 75 -16.57 -33.56 25.62
C GLY B 75 -17.16 -32.88 26.82
N ARG B 76 -16.38 -32.31 27.76
CA ARG B 76 -16.96 -31.69 29.00
C ARG B 76 -16.31 -30.35 29.39
N GLY B 77 -17.14 -29.38 29.76
CA GLY B 77 -16.74 -28.25 30.61
C GLY B 77 -16.05 -27.07 29.94
N LEU B 78 -15.97 -27.05 28.62
CA LEU B 78 -15.20 -26.03 27.89
C LEU B 78 -16.12 -25.05 27.19
N GLY B 79 -15.96 -23.79 27.56
CA GLY B 79 -16.52 -22.66 26.81
C GLY B 79 -15.41 -21.77 26.29
N VAL B 80 -15.48 -21.47 25.04
CA VAL B 80 -14.47 -20.65 24.33
C VAL B 80 -15.16 -19.34 23.98
N VAL B 81 -14.54 -18.23 24.37
CA VAL B 81 -15.14 -16.88 24.23
C VAL B 81 -14.46 -16.16 23.07
N LEU B 82 -15.22 -15.73 22.10
CA LEU B 82 -14.75 -15.10 20.84
C LEU B 82 -14.64 -13.59 21.10
N THR B 83 -13.42 -13.12 21.36
CA THR B 83 -13.19 -11.74 21.85
C THR B 83 -12.87 -10.79 20.68
N GLY B 84 -12.52 -11.26 19.48
CA GLY B 84 -12.29 -10.32 18.35
C GLY B 84 -11.59 -10.91 17.16
N THR B 85 -10.25 -10.84 17.14
CA THR B 85 -9.55 -11.24 15.91
C THR B 85 -9.70 -12.74 15.66
N ASP B 86 -10.07 -13.53 16.69
CA ASP B 86 -10.44 -14.96 16.52
C ASP B 86 -11.63 -15.03 15.57
N LEU B 87 -12.72 -14.33 15.82
CA LEU B 87 -14.00 -14.47 15.11
C LEU B 87 -13.97 -13.75 13.78
N TYR B 88 -13.32 -12.59 13.74
CA TYR B 88 -13.41 -11.65 12.61
C TYR B 88 -12.09 -11.63 11.84
N GLN B 89 -11.14 -12.48 12.20
CA GLN B 89 -9.88 -12.56 11.41
C GLN B 89 -9.44 -14.00 11.22
N ASP B 90 -9.36 -14.78 12.31
CA ASP B 90 -8.39 -15.91 12.41
C ASP B 90 -9.07 -17.21 12.01
N ILE B 91 -10.36 -17.39 12.31
CA ILE B 91 -11.01 -18.71 12.08
C ILE B 91 -11.13 -19.00 10.57
N GLY B 92 -11.41 -18.00 9.73
CA GLY B 92 -11.09 -18.03 8.29
C GLY B 92 -10.14 -19.18 7.92
N SER B 93 -8.87 -19.09 8.35
CA SER B 93 -7.73 -19.91 7.88
C SER B 93 -6.63 -19.99 8.94
N ASP B 94 -7.00 -20.14 10.20
CA ASP B 94 -6.04 -20.29 11.30
C ASP B 94 -6.36 -21.60 12.01
N PRO B 95 -5.48 -22.61 11.91
CA PRO B 95 -5.78 -23.93 12.44
C PRO B 95 -6.03 -23.98 13.96
N GLN B 96 -5.33 -23.14 14.73
CA GLN B 96 -5.50 -23.13 16.20
C GLN B 96 -6.93 -22.71 16.51
N ALA B 97 -7.36 -21.59 15.93
CA ALA B 97 -8.71 -21.07 16.19
C ALA B 97 -9.77 -22.10 15.75
N GLN B 98 -9.56 -22.78 14.62
CA GLN B 98 -10.50 -23.79 14.10
C GLN B 98 -10.59 -24.92 15.14
N ARG B 99 -9.45 -25.39 15.66
CA ARG B 99 -9.45 -26.51 16.63
C ARG B 99 -10.20 -26.09 17.88
N SER B 100 -9.99 -24.86 18.38
CA SER B 100 -10.66 -24.37 19.57
C SER B 100 -12.19 -24.40 19.33
N LEU B 101 -12.65 -23.96 18.17
CA LEU B 101 -14.10 -23.95 17.84
C LEU B 101 -14.62 -25.37 17.84
N GLN B 102 -13.88 -26.31 17.26
CA GLN B 102 -14.28 -27.75 17.21
C GLN B 102 -14.36 -28.35 18.61
N LEU B 103 -13.41 -28.09 19.49
CA LEU B 103 -13.30 -28.76 20.81
C LEU B 103 -14.33 -28.24 21.82
N ALA B 104 -14.74 -26.96 21.71
CA ALA B 104 -15.59 -26.32 22.73
C ALA B 104 -16.93 -27.04 22.89
N GLN B 105 -17.39 -27.17 24.14
CA GLN B 105 -18.82 -27.52 24.39
C GLN B 105 -19.70 -26.33 24.06
N ARG B 106 -19.28 -25.12 24.40
CA ARG B 106 -20.07 -23.91 24.07
C ARG B 106 -19.14 -22.82 23.49
N LEU B 107 -19.67 -22.02 22.58
CA LEU B 107 -18.98 -20.84 22.03
C LEU B 107 -19.72 -19.61 22.54
N VAL B 108 -18.96 -18.66 23.06
CA VAL B 108 -19.58 -17.43 23.62
C VAL B 108 -19.19 -16.29 22.67
N VAL B 109 -20.22 -15.55 22.27
CA VAL B 109 -20.06 -14.29 21.49
C VAL B 109 -20.66 -13.19 22.37
N LEU B 110 -20.09 -11.98 22.24
CA LEU B 110 -20.34 -10.86 23.15
C LEU B 110 -21.36 -9.88 22.60
N GLN B 111 -21.97 -10.17 21.45
CA GLN B 111 -23.13 -9.36 20.95
C GLN B 111 -23.91 -10.18 19.92
N ALA B 112 -25.07 -9.66 19.52
CA ALA B 112 -26.15 -10.43 18.84
C ALA B 112 -25.67 -11.00 17.54
N LEU B 113 -24.74 -10.34 16.84
CA LEU B 113 -24.38 -10.69 15.44
C LEU B 113 -23.27 -11.73 15.44
N GLY B 114 -22.70 -12.08 16.60
CA GLY B 114 -21.41 -12.80 16.58
C GLY B 114 -21.53 -14.14 15.87
N ALA B 115 -22.62 -14.88 16.09
CA ALA B 115 -22.72 -16.25 15.50
C ALA B 115 -22.78 -16.18 13.97
N GLU B 116 -23.09 -15.05 13.38
CA GLU B 116 -23.17 -14.87 11.88
C GLU B 116 -21.77 -15.19 11.31
N ALA B 117 -20.72 -14.93 12.09
CA ALA B 117 -19.31 -15.04 11.67
C ALA B 117 -18.82 -16.46 11.91
N LEU B 118 -19.59 -17.26 12.64
CA LEU B 118 -19.21 -18.67 12.91
C LEU B 118 -19.63 -19.55 11.72
N PRO B 119 -18.90 -20.64 11.46
CA PRO B 119 -19.41 -21.70 10.58
C PRO B 119 -20.79 -22.15 11.01
N PRO B 120 -21.73 -22.49 10.08
CA PRO B 120 -23.09 -22.87 10.50
C PRO B 120 -23.10 -24.06 11.47
N GLU B 121 -22.17 -25.01 11.27
CA GLU B 121 -22.01 -26.23 12.12
C GLU B 121 -21.64 -25.87 13.56
N CYS B 122 -21.19 -24.63 13.82
CA CYS B 122 -20.83 -24.20 15.18
C CYS B 122 -21.91 -23.34 15.83
N ARG B 123 -22.97 -22.97 15.11
CA ARG B 123 -23.97 -22.03 15.67
C ARG B 123 -24.88 -22.67 16.72
N ALA B 124 -25.21 -23.97 16.66
CA ALA B 124 -26.08 -24.59 17.65
C ALA B 124 -25.53 -24.45 19.07
N LYS B 125 -24.20 -24.47 19.21
CA LYS B 125 -23.54 -24.41 20.55
C LYS B 125 -23.09 -22.98 20.89
N ALA B 126 -23.52 -21.98 20.09
CA ALA B 126 -23.12 -20.56 20.32
C ALA B 126 -24.13 -19.93 21.31
N ARG B 127 -23.64 -19.11 22.21
CA ARG B 127 -24.40 -18.39 23.25
C ARG B 127 -23.92 -16.93 23.20
N VAL B 128 -24.88 -16.05 23.28
CA VAL B 128 -24.61 -14.58 23.38
C VAL B 128 -24.57 -14.19 24.83
N VAL B 129 -23.46 -13.57 25.24
CA VAL B 129 -23.35 -12.94 26.58
C VAL B 129 -22.96 -11.48 26.35
N TYR B 130 -23.93 -10.59 26.24
CA TYR B 130 -23.56 -9.15 26.25
C TYR B 130 -22.81 -8.82 27.52
N GLN B 131 -21.83 -7.94 27.38
CA GLN B 131 -21.03 -7.44 28.53
C GLN B 131 -21.80 -6.40 29.32
N SER B 132 -21.34 -6.12 30.51
CA SER B 132 -21.93 -5.10 31.39
C SER B 132 -20.83 -4.16 31.90
N THR B 133 -21.29 -3.02 32.36
CA THR B 133 -20.51 -1.98 32.99
C THR B 133 -21.39 -1.20 33.96
N SER B 134 -20.73 -0.52 34.89
CA SER B 134 -21.41 0.37 35.86
C SER B 134 -21.83 1.63 35.11
N ALA B 135 -22.92 2.23 35.58
CA ALA B 135 -23.42 3.47 34.96
C ALA B 135 -22.60 4.63 35.50
N ARG B 136 -22.64 5.74 34.76
CA ARG B 136 -22.30 7.08 35.30
C ARG B 136 -23.50 7.95 35.05
N ALA B 137 -23.78 8.91 35.93
CA ALA B 137 -24.92 9.82 35.71
C ALA B 137 -24.64 10.64 34.46
N GLU B 138 -25.66 10.82 33.62
CA GLU B 138 -25.52 11.62 32.41
C GLU B 138 -25.28 13.07 32.83
N LEU B 139 -24.30 13.70 32.22
CA LEU B 139 -23.97 15.14 32.46
C LEU B 139 -24.72 15.99 31.44
N PRO B 140 -25.46 17.07 31.84
CA PRO B 140 -25.80 18.15 30.96
C PRO B 140 -24.53 18.76 30.37
N LYS B 141 -24.60 19.09 29.09
CA LYS B 141 -23.40 19.56 28.39
C LYS B 141 -23.66 20.89 27.70
N SER B 142 -22.58 21.54 27.28
CA SER B 142 -22.61 22.87 26.63
C SER B 142 -22.80 22.76 25.13
N ALA B 143 -23.43 23.76 24.51
CA ALA B 143 -23.57 23.85 23.02
C ALA B 143 -22.48 24.73 22.39
N ARG B 144 -21.48 25.20 23.13
CA ARG B 144 -20.53 26.22 22.60
C ARG B 144 -19.44 25.52 21.77
N GLN B 145 -19.23 24.22 21.99
CA GLN B 145 -18.16 23.46 21.33
C GLN B 145 -18.64 22.01 21.27
N LEU B 146 -18.08 21.24 20.33
CA LEU B 146 -18.27 19.75 20.32
C LEU B 146 -16.97 19.10 20.79
N ARG B 147 -16.98 18.30 21.84
CA ARG B 147 -15.77 17.57 22.32
C ARG B 147 -16.01 16.06 22.18
N ALA B 148 -15.29 15.47 21.26
CA ALA B 148 -15.31 14.03 20.99
C ALA B 148 -14.16 13.37 21.72
N VAL B 149 -14.34 12.11 22.05
CA VAL B 149 -13.25 11.30 22.64
C VAL B 149 -13.24 9.93 21.97
N MET B 150 -12.03 9.39 21.77
CA MET B 150 -11.89 7.99 21.35
C MET B 150 -11.00 7.27 22.38
N VAL B 151 -11.27 6.03 22.71
CA VAL B 151 -10.53 5.32 23.76
C VAL B 151 -10.09 3.96 23.19
N GLY B 152 -8.78 3.76 23.15
CA GLY B 152 -8.22 2.47 22.75
C GLY B 152 -6.73 2.53 22.64
N HIS B 153 -6.05 1.58 23.27
CA HIS B 153 -4.58 1.48 23.04
C HIS B 153 -4.32 1.43 21.52
N LEU B 154 -3.31 2.17 21.01
CA LEU B 154 -3.08 2.40 19.58
C LEU B 154 -2.52 1.16 18.90
N ARG B 155 -3.38 0.20 18.66
CA ARG B 155 -3.07 -0.99 17.85
C ARG B 155 -3.80 -0.87 16.50
N GLN B 156 -3.26 -1.47 15.45
CA GLN B 156 -3.83 -1.29 14.11
C GLN B 156 -5.31 -1.74 14.09
N VAL B 157 -5.69 -2.77 14.85
CA VAL B 157 -7.11 -3.25 14.84
C VAL B 157 -8.07 -2.11 15.23
N LYS B 158 -7.62 -1.13 16.02
CA LYS B 158 -8.47 0.03 16.40
C LYS B 158 -8.57 1.09 15.29
N SER B 159 -7.85 0.90 14.17
CA SER B 159 -7.89 1.81 13.00
C SER B 159 -7.79 3.27 13.47
N PRO B 160 -6.77 3.63 14.27
CA PRO B 160 -6.66 5.02 14.74
C PRO B 160 -6.40 6.05 13.64
N GLN B 161 -5.84 5.63 12.51
CA GLN B 161 -5.68 6.55 11.31
C GLN B 161 -7.01 7.05 10.77
N THR B 162 -8.16 6.39 11.00
CA THR B 162 -9.44 6.96 10.64
C THR B 162 -9.71 8.22 11.47
N LEU B 163 -9.41 8.12 12.76
CA LEU B 163 -9.56 9.31 13.66
C LEU B 163 -8.54 10.36 13.25
N PHE B 164 -7.30 9.96 13.06
CA PHE B 164 -6.27 10.94 12.65
C PHE B 164 -6.74 11.70 11.41
N ASP B 165 -7.19 10.96 10.37
CA ASP B 165 -7.53 11.57 9.07
C ASP B 165 -8.75 12.48 9.23
N ALA B 166 -9.73 12.08 10.08
CA ALA B 166 -10.91 12.90 10.32
C ALA B 166 -10.51 14.18 11.06
N ALA B 167 -9.64 14.04 12.06
CA ALA B 167 -9.09 15.18 12.83
C ALA B 167 -8.47 16.16 11.83
N ARG B 168 -7.67 15.63 10.90
CA ARG B 168 -7.00 16.48 9.89
C ARG B 168 -8.03 17.18 9.01
N LEU B 169 -9.05 16.46 8.50
CA LEU B 169 -10.14 17.09 7.75
C LEU B 169 -10.77 18.25 8.52
N LEU B 170 -10.77 18.24 9.86
CA LEU B 170 -11.39 19.29 10.69
C LEU B 170 -10.31 20.18 11.32
N CYS B 171 -9.10 20.24 10.75
CA CYS B 171 -7.87 20.85 11.33
C CYS B 171 -8.17 22.30 11.69
N GLY B 172 -9.00 22.98 10.87
CA GLY B 172 -9.26 24.44 11.01
C GLY B 172 -10.52 24.73 11.82
N ARG B 173 -11.23 23.70 12.31
CA ARG B 173 -12.50 23.84 13.09
C ARG B 173 -12.16 24.06 14.58
N GLU B 174 -12.14 25.31 15.04
CA GLU B 174 -11.81 25.59 16.46
C GLU B 174 -12.96 25.18 17.39
N ASP B 175 -14.13 24.88 16.84
CA ASP B 175 -15.38 24.56 17.56
C ASP B 175 -15.53 23.06 17.74
N ILE B 176 -14.56 22.28 17.25
CA ILE B 176 -14.57 20.79 17.38
C ILE B 176 -13.22 20.37 17.97
N ARG B 177 -13.28 19.61 19.08
CA ARG B 177 -12.09 19.08 19.76
C ARG B 177 -12.17 17.57 19.76
N ILE B 178 -11.01 16.92 19.65
CA ILE B 178 -10.94 15.44 19.67
C ILE B 178 -9.83 15.09 20.66
N ASP B 179 -10.18 14.35 21.70
CA ASP B 179 -9.22 13.77 22.64
C ASP B 179 -9.13 12.29 22.37
N HIS B 180 -7.93 11.74 22.49
CA HIS B 180 -7.68 10.34 22.11
C HIS B 180 -6.91 9.71 23.26
N ILE B 181 -7.48 8.69 23.91
CA ILE B 181 -6.89 8.04 25.10
C ILE B 181 -6.39 6.66 24.67
N GLY B 182 -5.17 6.30 25.06
CA GLY B 182 -4.65 4.92 24.91
C GLY B 182 -3.13 4.98 24.79
N ASP B 183 -2.50 3.87 25.11
CA ASP B 183 -1.01 3.82 25.09
C ASP B 183 -0.54 3.78 23.63
N ALA B 184 0.74 4.02 23.39
CA ALA B 184 1.33 3.84 22.06
C ALA B 184 1.43 2.32 21.93
N GLY B 185 1.49 1.77 20.73
CA GLY B 185 1.60 0.30 20.66
C GLY B 185 2.33 -0.13 19.42
N ASP B 186 1.58 -0.46 18.38
CA ASP B 186 2.13 -0.91 17.06
C ASP B 186 3.10 0.15 16.56
N ALA B 187 4.19 -0.32 15.94
CA ALA B 187 5.26 0.52 15.37
C ALA B 187 4.59 1.82 14.92
N GLY B 188 4.85 2.89 15.67
CA GLY B 188 4.87 4.28 15.20
C GLY B 188 3.49 4.88 15.12
N LEU B 189 2.44 4.28 15.70
CA LEU B 189 1.12 4.96 15.65
C LEU B 189 1.13 6.16 16.62
N GLY B 190 1.89 6.07 17.69
CA GLY B 190 2.08 7.19 18.62
C GLY B 190 2.78 8.34 17.93
N GLU B 191 3.68 8.04 17.01
CA GLU B 191 4.41 9.12 16.30
C GLU B 191 3.44 9.85 15.37
N LEU B 192 2.49 9.16 14.70
CA LEU B 192 1.47 9.83 13.88
C LEU B 192 0.65 10.75 14.79
N ALA B 193 0.24 10.23 15.94
CA ALA B 193 -0.64 11.01 16.88
C ALA B 193 0.13 12.26 17.35
N ARG B 194 1.39 12.14 17.70
CA ARG B 194 2.19 13.34 18.14
C ARG B 194 2.26 14.37 17.01
N ALA B 195 2.57 13.93 15.80
CA ALA B 195 2.70 14.84 14.64
C ALA B 195 1.36 15.52 14.39
N LEU B 196 0.25 14.79 14.51
CA LEU B 196 -1.07 15.38 14.33
C LEU B 196 -1.36 16.44 15.39
N ALA B 197 -1.11 16.14 16.66
CA ALA B 197 -1.47 17.08 17.74
C ALA B 197 -0.68 18.38 17.47
N SER B 198 0.49 18.28 16.85
CA SER B 198 1.33 19.47 16.59
C SER B 198 0.72 20.31 15.46
N ASP B 199 0.18 19.69 14.40
CA ASP B 199 -0.35 20.44 13.25
C ASP B 199 -1.78 20.91 13.44
N CYS B 200 -2.54 20.17 14.26
CA CYS B 200 -4.00 20.32 14.38
C CYS B 200 -4.35 20.36 15.87
N PRO B 201 -4.28 21.56 16.48
CA PRO B 201 -4.39 21.70 17.93
C PRO B 201 -5.69 21.27 18.61
N GLY B 202 -6.78 21.14 17.84
CA GLY B 202 -8.06 20.60 18.29
C GLY B 202 -7.94 19.13 18.66
N TYR B 203 -6.94 18.42 18.14
CA TYR B 203 -6.67 16.98 18.41
C TYR B 203 -5.61 16.89 19.51
N ARG B 204 -5.87 16.13 20.60
CA ARG B 204 -4.87 15.79 21.63
C ARG B 204 -4.82 14.28 21.86
N TRP B 205 -3.63 13.75 21.87
CA TRP B 205 -3.32 12.35 22.23
C TRP B 205 -2.88 12.36 23.69
N LEU B 206 -3.71 11.90 24.59
CA LEU B 206 -3.51 12.00 26.05
C LEU B 206 -2.69 10.82 26.61
N GLY B 207 -2.31 9.86 25.77
CA GLY B 207 -1.67 8.64 26.23
C GLY B 207 -2.62 7.74 26.99
N ALA B 208 -2.10 6.71 27.64
CA ALA B 208 -2.94 5.79 28.43
C ALA B 208 -3.33 6.54 29.69
N LEU B 209 -4.55 6.35 30.16
CA LEU B 209 -5.03 6.99 31.39
C LEU B 209 -5.66 5.92 32.25
N PRO B 210 -5.61 6.05 33.59
CA PRO B 210 -6.23 5.05 34.46
C PRO B 210 -7.74 4.97 34.17
N HIS B 211 -8.32 3.83 34.47
CA HIS B 211 -9.71 3.52 34.09
C HIS B 211 -10.69 4.54 34.70
N ALA B 212 -10.57 4.94 35.96
CA ALA B 212 -11.54 5.90 36.54
C ALA B 212 -11.53 7.25 35.80
N GLN B 213 -10.36 7.78 35.48
CA GLN B 213 -10.20 9.04 34.69
C GLN B 213 -10.76 8.84 33.27
N THR B 214 -10.53 7.69 32.67
CA THR B 214 -11.03 7.41 31.32
C THR B 214 -12.57 7.45 31.35
N ARG B 215 -13.19 6.75 32.30
CA ARG B 215 -14.67 6.71 32.42
C ARG B 215 -15.16 8.17 32.60
N GLN B 216 -14.47 9.00 33.38
CA GLN B 216 -14.87 10.41 33.57
C GLN B 216 -14.81 11.20 32.26
N ARG B 217 -13.74 10.98 31.49
CA ARG B 217 -13.58 11.64 30.16
C ARG B 217 -14.67 11.20 29.17
N ILE B 218 -15.03 9.94 29.14
CA ILE B 218 -16.15 9.46 28.28
C ILE B 218 -17.47 10.13 28.74
N GLN B 219 -17.71 10.22 30.04
CA GLN B 219 -18.95 10.81 30.63
C GLN B 219 -19.02 12.31 30.23
N ARG B 220 -17.87 12.99 30.21
CA ARG B 220 -17.82 14.47 30.00
C ARG B 220 -17.95 14.79 28.52
N ALA B 221 -17.44 13.91 27.65
CA ALA B 221 -17.42 14.14 26.21
C ALA B 221 -18.82 14.26 25.61
N HIS B 222 -18.98 15.03 24.51
CA HIS B 222 -20.29 15.07 23.82
C HIS B 222 -20.57 13.75 23.08
N VAL B 223 -19.48 13.16 22.58
CA VAL B 223 -19.63 11.94 21.77
C VAL B 223 -18.38 11.11 21.94
N LEU B 224 -18.55 9.78 21.90
CA LEU B 224 -17.45 8.80 21.80
C LEU B 224 -17.34 8.39 20.31
N VAL B 225 -16.15 8.42 19.79
CA VAL B 225 -15.84 7.98 18.38
C VAL B 225 -15.14 6.64 18.55
N HIS B 226 -15.49 5.63 17.73
CA HIS B 226 -14.86 4.30 17.77
C HIS B 226 -14.69 3.79 16.33
N THR B 227 -13.46 3.58 15.87
CA THR B 227 -13.16 3.43 14.40
C THR B 227 -12.74 2.01 14.03
N SER B 228 -12.73 1.09 14.98
CA SER B 228 -12.13 -0.26 14.87
C SER B 228 -12.50 -1.01 13.59
N ALA B 229 -11.57 -1.83 13.11
CA ALA B 229 -11.82 -2.75 11.99
C ALA B 229 -12.68 -3.94 12.44
N LEU B 230 -12.59 -4.31 13.70
CA LEU B 230 -13.44 -5.36 14.29
C LEU B 230 -13.41 -5.21 15.80
N GLU B 231 -14.40 -5.77 16.45
CA GLU B 231 -14.50 -5.81 17.89
C GLU B 231 -15.31 -7.06 18.23
N GLY B 232 -14.91 -7.76 19.26
CA GLY B 232 -15.77 -8.78 19.88
C GLY B 232 -17.06 -8.15 20.39
N GLY B 233 -16.92 -7.03 21.10
CA GLY B 233 -17.99 -6.29 21.79
C GLY B 233 -17.28 -5.29 22.70
N ALA B 234 -17.03 -4.07 22.24
CA ALA B 234 -16.09 -3.13 22.89
C ALA B 234 -16.64 -2.57 24.23
N HIS B 235 -15.83 -2.64 25.27
CA HIS B 235 -16.16 -2.07 26.59
C HIS B 235 -16.40 -0.58 26.40
N VAL B 236 -15.54 0.10 25.63
CA VAL B 236 -15.66 1.58 25.57
C VAL B 236 -17.05 2.02 25.04
N ILE B 237 -17.68 1.25 24.14
CA ILE B 237 -19.01 1.58 23.60
C ILE B 237 -20.03 1.49 24.74
N MET B 238 -20.03 0.40 25.55
CA MET B 238 -21.02 0.30 26.64
C MET B 238 -20.69 1.37 27.67
N GLU B 239 -19.42 1.72 27.87
CA GLU B 239 -19.05 2.73 28.90
C GLU B 239 -19.66 4.08 28.52
N ALA B 240 -19.64 4.42 27.25
CA ALA B 240 -20.29 5.66 26.77
C ALA B 240 -21.82 5.56 26.93
N VAL B 241 -22.42 4.49 26.41
CA VAL B 241 -23.90 4.35 26.43
C VAL B 241 -24.39 4.44 27.88
N ARG B 242 -23.74 3.73 28.81
CA ARG B 242 -24.10 3.71 30.27
C ARG B 242 -23.70 5.00 30.99
N SER B 243 -23.12 6.00 30.33
CA SER B 243 -22.87 7.37 30.81
C SER B 243 -23.86 8.38 30.16
N GLY B 244 -24.69 7.97 29.20
CA GLY B 244 -25.54 8.89 28.43
C GLY B 244 -24.72 9.69 27.42
N THR B 245 -23.58 9.13 26.97
CA THR B 245 -22.68 9.70 25.95
C THR B 245 -22.94 8.92 24.66
N PRO B 246 -23.45 9.58 23.61
CA PRO B 246 -23.68 8.91 22.34
C PRO B 246 -22.38 8.52 21.62
N VAL B 247 -22.54 7.66 20.61
CA VAL B 247 -21.42 7.06 19.87
C VAL B 247 -21.48 7.29 18.35
N LEU B 248 -20.33 7.53 17.75
CA LEU B 248 -20.15 7.40 16.31
C LEU B 248 -19.24 6.21 16.10
N ALA B 249 -19.66 5.22 15.30
CA ALA B 249 -18.89 3.95 15.21
C ALA B 249 -18.70 3.51 13.74
N SER B 250 -17.58 2.84 13.45
CA SER B 250 -17.38 2.14 12.15
C SER B 250 -18.47 1.06 12.06
N ARG B 251 -19.00 0.90 10.86
CA ARG B 251 -20.03 -0.10 10.58
C ARG B 251 -19.34 -1.47 10.41
N VAL B 252 -18.97 -2.11 11.52
CA VAL B 252 -18.37 -3.45 11.50
C VAL B 252 -19.24 -4.25 12.46
N PRO B 253 -19.39 -5.57 12.27
CA PRO B 253 -20.40 -6.30 13.03
C PRO B 253 -20.29 -6.18 14.54
N GLY B 254 -19.09 -6.19 15.15
CA GLY B 254 -18.95 -6.11 16.61
C GLY B 254 -19.54 -4.78 17.11
N ASN B 255 -19.42 -3.70 16.35
CA ASN B 255 -20.00 -2.41 16.75
C ASN B 255 -21.54 -2.44 16.54
N VAL B 256 -21.99 -2.92 15.40
CA VAL B 256 -23.44 -2.94 15.06
C VAL B 256 -24.16 -3.82 16.11
N GLY B 257 -23.57 -4.92 16.53
CA GLY B 257 -24.17 -5.74 17.60
C GLY B 257 -24.38 -4.99 18.89
N MET B 258 -23.46 -4.03 19.19
CA MET B 258 -23.56 -3.28 20.44
C MET B 258 -24.62 -2.18 20.30
N LEU B 259 -24.65 -1.44 19.18
CA LEU B 259 -25.46 -0.17 19.04
C LEU B 259 -26.83 -0.42 18.36
N GLY B 260 -27.00 -1.54 17.64
CA GLY B 260 -28.29 -1.87 17.03
C GLY B 260 -28.32 -1.67 15.53
N ASN B 261 -29.12 -2.47 14.81
CA ASN B 261 -29.18 -2.41 13.33
C ASN B 261 -29.70 -1.07 12.77
N ASP B 262 -30.49 -0.35 13.58
CA ASP B 262 -31.23 0.87 13.18
C ASP B 262 -30.43 2.09 13.63
N TYR B 263 -29.28 1.88 14.22
CA TYR B 263 -28.49 3.02 14.81
C TYR B 263 -28.09 4.01 13.72
N ALA B 264 -28.19 5.31 14.03
CA ALA B 264 -28.00 6.42 13.08
C ALA B 264 -26.58 6.99 13.08
N GLY B 265 -25.66 6.37 13.82
CA GLY B 265 -24.32 6.92 14.04
C GLY B 265 -23.19 6.13 13.44
N TYR B 266 -23.44 5.37 12.36
CA TYR B 266 -22.35 4.55 11.78
C TYR B 266 -21.70 5.29 10.62
N PHE B 267 -20.44 4.97 10.35
CA PHE B 267 -19.73 5.34 9.11
C PHE B 267 -19.11 4.08 8.57
N PRO B 268 -18.89 4.02 7.23
CA PRO B 268 -18.21 2.84 6.69
C PRO B 268 -16.83 2.75 7.31
N HIS B 269 -16.37 1.54 7.59
CA HIS B 269 -15.02 1.27 8.10
C HIS B 269 -13.93 1.97 7.27
N GLY B 270 -13.12 2.81 7.91
CA GLY B 270 -11.97 3.48 7.26
C GLY B 270 -12.34 4.72 6.47
N ASP B 271 -13.59 5.16 6.52
CA ASP B 271 -14.08 6.28 5.66
C ASP B 271 -14.00 7.55 6.52
N ALA B 272 -12.79 8.11 6.60
CA ALA B 272 -12.46 9.33 7.42
C ALA B 272 -13.37 10.50 7.02
N ALA B 273 -13.62 10.72 5.73
CA ALA B 273 -14.58 11.75 5.26
C ALA B 273 -15.97 11.58 5.87
N ALA B 274 -16.46 10.34 5.94
CA ALA B 274 -17.80 10.06 6.49
C ALA B 274 -17.82 10.32 8.02
N LEU B 275 -16.80 9.98 8.74
CA LEU B 275 -16.68 10.28 10.18
C LEU B 275 -16.62 11.79 10.34
N ALA B 276 -15.79 12.48 9.57
CA ALA B 276 -15.75 13.97 9.66
C ALA B 276 -17.14 14.56 9.42
N ALA B 277 -17.89 14.07 8.42
CA ALA B 277 -19.24 14.57 8.12
C ALA B 277 -20.21 14.36 9.31
N LEU B 278 -20.09 13.24 10.03
CA LEU B 278 -20.95 13.00 11.23
C LEU B 278 -20.55 14.01 12.32
N LEU B 279 -19.26 14.23 12.52
CA LEU B 279 -18.83 15.16 13.60
C LEU B 279 -19.34 16.57 13.24
N GLU B 280 -19.29 16.96 11.96
CA GLU B 280 -19.84 18.27 11.50
C GLU B 280 -21.34 18.31 11.83
N ALA B 281 -22.07 17.23 11.61
CA ALA B 281 -23.52 17.19 11.83
C ALA B 281 -23.84 17.30 13.31
N CYS B 282 -23.09 16.56 14.16
CA CYS B 282 -23.24 16.64 15.63
C CYS B 282 -23.07 18.12 16.01
N ARG B 283 -21.99 18.74 15.55
CA ARG B 283 -21.69 20.16 15.84
C ARG B 283 -22.82 21.06 15.33
N ALA B 284 -23.27 20.89 14.09
CA ALA B 284 -24.37 21.72 13.54
C ALA B 284 -25.66 21.62 14.36
N GLY B 285 -26.02 20.45 14.91
CA GLY B 285 -27.23 20.19 15.70
C GLY B 285 -27.19 20.91 17.05
N GLN B 286 -26.01 21.23 17.59
CA GLN B 286 -25.90 21.85 18.94
C GLN B 286 -26.67 23.18 19.00
N ALA B 293 -34.02 17.96 17.36
CA ALA B 293 -33.80 17.71 15.91
C ALA B 293 -32.30 17.51 15.60
N GLY B 294 -31.40 17.69 16.57
CA GLY B 294 -29.95 17.56 16.33
C GLY B 294 -29.54 16.09 16.31
N LEU B 295 -28.49 15.77 15.56
CA LEU B 295 -27.97 14.36 15.48
C LEU B 295 -27.59 13.87 16.89
N LEU B 296 -26.95 14.68 17.74
CA LEU B 296 -26.54 14.22 19.08
C LEU B 296 -27.75 13.82 19.88
N ASP B 297 -28.84 14.61 19.83
CA ASP B 297 -30.06 14.22 20.56
C ASP B 297 -30.67 12.93 20.00
N SER B 298 -30.60 12.74 18.69
CA SER B 298 -31.17 11.54 18.01
C SER B 298 -30.38 10.34 18.53
N LEU B 299 -29.06 10.43 18.49
CA LEU B 299 -28.19 9.31 18.93
C LEU B 299 -28.35 9.11 20.44
N ARG B 300 -28.53 10.13 21.25
CA ARG B 300 -28.77 9.95 22.69
C ARG B 300 -30.04 9.13 22.89
N THR B 301 -31.11 9.45 22.17
CA THR B 301 -32.39 8.71 22.27
C THR B 301 -32.15 7.23 21.94
N GLN B 302 -31.41 6.95 20.87
CA GLN B 302 -31.14 5.54 20.45
C GLN B 302 -30.23 4.83 21.45
N CYS B 303 -29.20 5.52 21.95
CA CYS B 303 -28.31 4.93 22.96
C CYS B 303 -29.08 4.60 24.24
N ALA B 304 -30.06 5.41 24.66
CA ALA B 304 -30.74 5.18 25.96
C ALA B 304 -31.50 3.85 25.86
N LEU B 305 -31.98 3.48 24.67
CA LEU B 305 -32.67 2.18 24.45
C LEU B 305 -31.68 1.01 24.53
N ARG B 306 -30.40 1.23 24.24
CA ARG B 306 -29.39 0.15 24.25
C ARG B 306 -28.84 -0.03 25.67
N ALA B 307 -28.87 0.98 26.55
CA ALA B 307 -28.22 0.96 27.88
C ALA B 307 -28.67 -0.24 28.73
N PRO B 308 -29.94 -0.73 28.78
CA PRO B 308 -30.26 -1.89 29.61
C PRO B 308 -29.56 -3.17 29.16
N LEU B 309 -29.06 -3.25 27.91
CA LEU B 309 -28.27 -4.44 27.46
C LEU B 309 -27.08 -4.63 28.38
N PHE B 310 -26.55 -3.54 28.96
CA PHE B 310 -25.21 -3.55 29.61
C PHE B 310 -25.32 -3.53 31.14
N ASP B 311 -26.46 -3.97 31.67
CA ASP B 311 -26.72 -4.10 33.12
C ASP B 311 -26.11 -5.41 33.63
N PRO B 312 -25.30 -5.41 34.70
CA PRO B 312 -24.65 -6.62 35.21
C PRO B 312 -25.65 -7.71 35.65
N ARG B 313 -26.87 -7.36 36.02
CA ARG B 313 -27.90 -8.40 36.39
C ARG B 313 -28.15 -9.28 35.16
N ALA B 314 -28.11 -8.69 33.97
CA ALA B 314 -28.38 -9.37 32.68
C ALA B 314 -27.18 -10.26 32.36
N GLU B 315 -26.00 -9.69 32.33
CA GLU B 315 -24.75 -10.46 32.10
C GLU B 315 -24.68 -11.65 33.09
N GLN B 316 -24.90 -11.40 34.37
CA GLN B 316 -24.84 -12.46 35.42
C GLN B 316 -25.84 -13.54 35.05
N ALA B 317 -27.06 -13.18 34.65
CA ALA B 317 -28.04 -14.29 34.36
C ALA B 317 -27.59 -15.13 33.17
N ALA B 318 -27.08 -14.51 32.11
CA ALA B 318 -26.54 -15.18 30.90
C ALA B 318 -25.45 -16.16 31.39
N LEU B 319 -24.57 -15.67 32.27
CA LEU B 319 -23.38 -16.49 32.66
C LEU B 319 -23.84 -17.67 33.52
N PHE B 320 -24.85 -17.45 34.36
CA PHE B 320 -25.34 -18.55 35.24
C PHE B 320 -25.89 -19.66 34.37
N GLN B 321 -26.58 -19.29 33.27
CA GLN B 321 -27.19 -20.29 32.38
C GLN B 321 -26.06 -21.02 31.66
N LEU B 322 -25.04 -20.30 31.19
CA LEU B 322 -23.87 -20.91 30.50
C LEU B 322 -23.17 -21.88 31.44
N LEU B 323 -22.97 -21.51 32.70
CA LEU B 323 -22.21 -22.35 33.65
C LEU B 323 -23.01 -23.63 33.87
N ASN B 324 -24.32 -23.51 34.04
CA ASN B 324 -25.20 -24.71 34.16
C ASN B 324 -25.09 -25.62 32.94
N GLU B 325 -24.95 -25.09 31.73
CA GLU B 325 -24.84 -25.92 30.52
C GLU B 325 -23.49 -26.64 30.53
N LEU B 326 -22.46 -26.00 31.06
CA LEU B 326 -21.09 -26.56 31.00
C LEU B 326 -20.88 -27.55 32.16
N GLN B 327 -21.60 -27.39 33.26
CA GLN B 327 -21.56 -28.40 34.38
C GLN B 327 -22.98 -28.56 34.93
N PRO B 328 -23.81 -29.43 34.31
CA PRO B 328 -25.15 -29.71 34.83
C PRO B 328 -25.04 -30.47 36.16
N ASN C 3 -6.56 -48.85 -17.87
CA ASN C 3 -6.45 -47.41 -17.42
C ASN C 3 -5.02 -46.92 -17.65
N PRO C 4 -4.83 -45.68 -18.17
CA PRO C 4 -3.50 -45.19 -18.52
C PRO C 4 -2.59 -45.04 -17.30
N SER C 5 -1.27 -45.11 -17.56
CA SER C 5 -0.24 -44.74 -16.57
C SER C 5 0.36 -43.43 -17.04
N LEU C 6 -0.02 -42.33 -16.37
CA LEU C 6 0.42 -40.98 -16.75
C LEU C 6 1.71 -40.56 -15.99
N VAL C 7 2.64 -40.06 -16.74
CA VAL C 7 3.84 -39.36 -16.22
C VAL C 7 3.72 -37.90 -16.61
N ILE C 8 3.74 -37.05 -15.58
CA ILE C 8 3.83 -35.58 -15.74
C ILE C 8 5.30 -35.16 -15.51
N VAL C 9 5.87 -34.51 -16.49
CA VAL C 9 7.27 -34.01 -16.41
C VAL C 9 7.22 -32.52 -16.10
N SER C 10 7.74 -32.12 -14.91
CA SER C 10 7.81 -30.68 -14.54
C SER C 10 9.27 -30.35 -14.26
N PRO C 11 9.79 -29.24 -14.80
CA PRO C 11 11.19 -28.90 -14.57
C PRO C 11 11.44 -28.35 -13.16
N ALA C 12 10.39 -28.11 -12.38
CA ALA C 12 10.46 -27.66 -10.97
C ALA C 12 11.27 -28.64 -10.11
N LEU C 13 12.02 -28.13 -9.13
CA LEU C 13 12.59 -29.00 -8.05
C LEU C 13 11.46 -29.53 -7.19
N PRO C 14 11.54 -30.76 -6.67
CA PRO C 14 10.43 -31.30 -5.88
C PRO C 14 10.14 -30.40 -4.67
N GLY C 15 8.86 -30.19 -4.39
CA GLY C 15 8.36 -29.35 -3.28
C GLY C 15 8.69 -27.88 -3.46
N ALA C 16 9.08 -27.43 -4.66
CA ALA C 16 9.30 -25.99 -4.98
C ALA C 16 7.96 -25.27 -4.93
N ASN C 17 7.97 -24.01 -4.56
CA ASN C 17 6.70 -23.28 -4.39
C ASN C 17 6.63 -22.36 -5.59
N ASN C 18 6.27 -22.89 -6.77
CA ASN C 18 6.15 -22.06 -7.98
C ASN C 18 5.08 -22.70 -8.90
N GLY C 19 4.76 -22.04 -10.00
CA GLY C 19 3.68 -22.43 -10.93
C GLY C 19 3.89 -23.83 -11.46
N ASN C 20 5.07 -24.14 -11.94
CA ASN C 20 5.26 -25.46 -12.59
C ASN C 20 5.01 -26.57 -11.56
N TRP C 21 5.49 -26.39 -10.32
CA TRP C 21 5.27 -27.45 -9.32
C TRP C 21 3.77 -27.54 -9.03
N ARG C 22 3.08 -26.40 -8.95
CA ARG C 22 1.66 -26.35 -8.52
C ARG C 22 0.78 -27.02 -9.59
N THR C 23 1.08 -26.75 -10.84
CA THR C 23 0.35 -27.28 -11.98
C THR C 23 0.49 -28.80 -11.95
N ALA C 24 1.71 -29.24 -11.76
CA ALA C 24 1.97 -30.71 -11.89
C ALA C 24 1.26 -31.41 -10.77
N GLN C 25 1.34 -30.87 -9.55
CA GLN C 25 0.71 -31.52 -8.40
C GLN C 25 -0.82 -31.49 -8.61
N ARG C 26 -1.35 -30.40 -9.12
CA ARG C 26 -2.81 -30.24 -9.26
C ARG C 26 -3.29 -31.24 -10.34
N TRP C 27 -2.60 -31.28 -11.46
CA TRP C 27 -2.98 -32.21 -12.55
C TRP C 27 -2.90 -33.65 -12.07
N LYS C 28 -1.89 -34.00 -11.29
CA LYS C 28 -1.81 -35.38 -10.72
C LYS C 28 -3.08 -35.65 -9.89
N ALA C 29 -3.48 -34.72 -9.01
CA ALA C 29 -4.65 -34.93 -8.13
C ALA C 29 -5.94 -35.05 -8.96
N LEU C 30 -6.15 -34.19 -9.98
CA LEU C 30 -7.42 -34.13 -10.76
C LEU C 30 -7.52 -35.38 -11.64
N LEU C 31 -6.39 -35.95 -12.05
CA LEU C 31 -6.45 -37.03 -13.07
C LEU C 31 -6.41 -38.39 -12.36
N SER C 32 -6.04 -38.44 -11.08
CA SER C 32 -5.95 -39.69 -10.27
C SER C 32 -7.21 -40.56 -10.39
N PRO C 33 -8.44 -40.01 -10.52
CA PRO C 33 -9.63 -40.86 -10.65
C PRO C 33 -9.68 -41.74 -11.90
N VAL C 34 -8.94 -41.39 -12.95
CA VAL C 34 -9.06 -42.09 -14.27
C VAL C 34 -7.73 -42.69 -14.70
N CYS C 35 -6.66 -42.53 -13.92
CA CYS C 35 -5.36 -43.09 -14.33
C CYS C 35 -4.42 -43.20 -13.12
N SER C 36 -3.30 -43.92 -13.28
CA SER C 36 -2.14 -43.90 -12.36
C SER C 36 -1.24 -42.72 -12.78
N ALA C 37 -1.09 -41.71 -11.95
CA ALA C 37 -0.35 -40.49 -12.33
C ALA C 37 0.85 -40.26 -11.40
N ARG C 38 1.98 -39.91 -11.97
CA ARG C 38 3.19 -39.56 -11.18
C ARG C 38 3.85 -38.34 -11.79
N VAL C 39 4.56 -37.60 -10.96
CA VAL C 39 5.35 -36.44 -11.40
C VAL C 39 6.84 -36.78 -11.29
N VAL C 40 7.59 -36.35 -12.29
CA VAL C 40 9.07 -36.47 -12.34
C VAL C 40 9.67 -35.19 -12.92
N GLN C 41 10.95 -35.01 -12.74
CA GLN C 41 11.67 -33.88 -13.33
C GLN C 41 12.23 -34.28 -14.69
N GLN C 42 12.54 -35.57 -14.87
CA GLN C 42 13.07 -36.01 -16.18
C GLN C 42 12.62 -37.44 -16.44
N TRP C 43 12.61 -37.83 -17.69
CA TRP C 43 12.12 -39.14 -18.13
C TRP C 43 13.08 -39.62 -19.22
N PRO C 44 13.48 -40.90 -19.26
CA PRO C 44 13.00 -41.95 -18.36
C PRO C 44 13.69 -42.02 -17.00
N ASP C 45 13.12 -42.84 -16.13
CA ASP C 45 13.69 -43.22 -14.83
C ASP C 45 13.45 -44.71 -14.69
N ALA C 46 13.64 -45.29 -13.50
CA ALA C 46 13.53 -46.74 -13.30
C ALA C 46 12.10 -47.24 -13.53
N ASP C 47 11.09 -46.37 -13.51
CA ASP C 47 9.66 -46.78 -13.59
C ASP C 47 9.08 -46.47 -14.97
N ALA C 48 9.92 -46.08 -15.94
CA ALA C 48 9.49 -45.54 -17.25
C ALA C 48 8.75 -46.63 -18.04
N SER C 49 9.12 -47.90 -17.94
CA SER C 49 8.57 -48.93 -18.86
C SER C 49 7.04 -49.05 -18.75
N ALA C 50 6.47 -48.67 -17.62
CA ALA C 50 5.01 -48.82 -17.32
C ALA C 50 4.23 -47.57 -17.81
N ASP C 51 4.90 -46.47 -18.09
CA ASP C 51 4.16 -45.24 -18.53
C ASP C 51 3.55 -45.43 -19.94
N THR C 52 2.31 -44.93 -20.18
CA THR C 52 1.57 -44.99 -21.48
C THR C 52 1.24 -43.58 -22.03
N VAL C 53 1.32 -42.54 -21.20
CA VAL C 53 1.05 -41.12 -21.60
C VAL C 53 2.00 -40.21 -20.83
N MET C 54 2.54 -39.25 -21.56
CA MET C 54 3.32 -38.15 -20.96
C MET C 54 2.61 -36.81 -21.13
N LEU C 55 2.55 -36.03 -20.06
CA LEU C 55 2.32 -34.58 -20.16
C LEU C 55 3.55 -33.82 -19.66
N ALA C 56 4.20 -33.12 -20.56
CA ALA C 56 5.47 -32.42 -20.30
C ALA C 56 5.27 -30.92 -20.27
N LEU C 57 5.67 -30.29 -19.15
CA LEU C 57 5.66 -28.83 -19.00
C LEU C 57 6.94 -28.23 -19.53
N HIS C 58 6.80 -27.25 -20.40
CA HIS C 58 7.81 -26.33 -20.95
C HIS C 58 8.52 -26.98 -22.14
N ALA C 59 8.19 -26.53 -23.34
CA ALA C 59 8.68 -27.13 -24.61
C ALA C 59 10.22 -27.04 -24.65
N ARG C 60 10.86 -26.05 -24.03
CA ARG C 60 12.35 -25.97 -24.01
C ARG C 60 12.89 -26.73 -22.78
N ARG C 61 12.42 -26.42 -21.57
CA ARG C 61 13.12 -26.92 -20.36
C ARG C 61 12.97 -28.43 -20.23
N SER C 62 11.86 -29.04 -20.73
CA SER C 62 11.61 -30.50 -20.72
C SER C 62 11.95 -31.18 -22.06
N ALA C 63 12.49 -30.44 -22.98
CA ALA C 63 12.72 -30.88 -24.38
C ALA C 63 13.44 -32.23 -24.41
N GLU C 64 14.46 -32.46 -23.56
CA GLU C 64 15.22 -33.73 -23.61
C GLU C 64 14.29 -34.91 -23.28
N SER C 65 13.42 -34.78 -22.27
CA SER C 65 12.45 -35.78 -21.80
C SER C 65 11.39 -35.99 -22.90
N ILE C 66 10.96 -34.90 -23.51
CA ILE C 66 9.93 -34.95 -24.60
C ILE C 66 10.49 -35.82 -25.73
N ALA C 67 11.74 -35.56 -26.11
CA ALA C 67 12.40 -36.29 -27.24
C ALA C 67 12.64 -37.73 -26.82
N HIS C 68 13.03 -38.01 -25.57
CA HIS C 68 13.14 -39.43 -25.13
C HIS C 68 11.81 -40.14 -25.36
N TRP C 69 10.71 -39.54 -24.93
CA TRP C 69 9.38 -40.15 -25.09
C TRP C 69 9.07 -40.37 -26.58
N ALA C 70 9.28 -39.35 -27.38
CA ALA C 70 8.91 -39.34 -28.83
C ALA C 70 9.68 -40.48 -29.54
N HIS C 71 10.93 -40.68 -29.15
CA HIS C 71 11.71 -41.79 -29.78
C HIS C 71 11.29 -43.15 -29.22
N ALA C 72 10.85 -43.29 -27.95
CA ALA C 72 10.41 -44.53 -27.30
C ALA C 72 8.97 -44.88 -27.69
N HIS C 73 8.18 -43.90 -28.15
CA HIS C 73 6.74 -44.05 -28.45
C HIS C 73 6.36 -43.20 -29.64
N PRO C 74 6.95 -43.41 -30.84
CA PRO C 74 6.78 -42.50 -31.97
C PRO C 74 5.29 -42.35 -32.32
N GLY C 75 4.85 -41.11 -32.51
CA GLY C 75 3.45 -40.75 -32.84
C GLY C 75 2.41 -41.12 -31.78
N ARG C 76 2.75 -41.48 -30.53
CA ARG C 76 1.75 -41.89 -29.50
C ARG C 76 1.99 -41.24 -28.13
N GLY C 77 0.94 -40.70 -27.52
CA GLY C 77 0.89 -40.51 -26.06
C GLY C 77 1.53 -39.24 -25.54
N LEU C 78 1.98 -38.32 -26.37
CA LEU C 78 2.77 -37.16 -25.89
C LEU C 78 1.90 -35.89 -25.93
N GLY C 79 1.72 -35.29 -24.75
CA GLY C 79 1.23 -33.89 -24.71
C GLY C 79 2.30 -32.96 -24.18
N VAL C 80 2.46 -31.79 -24.76
CA VAL C 80 3.48 -30.78 -24.36
C VAL C 80 2.71 -29.52 -23.98
N VAL C 81 3.04 -29.02 -22.79
CA VAL C 81 2.29 -27.88 -22.20
C VAL C 81 3.15 -26.64 -22.28
N LEU C 82 2.60 -25.63 -22.90
CA LEU C 82 3.25 -24.33 -23.16
C LEU C 82 3.03 -23.50 -21.90
N THR C 83 4.04 -23.44 -21.04
CA THR C 83 3.96 -22.74 -19.73
C THR C 83 4.39 -21.27 -19.78
N GLY C 84 5.00 -20.73 -20.84
CA GLY C 84 5.32 -19.28 -20.84
C GLY C 84 6.43 -18.86 -21.75
N THR C 85 7.69 -18.98 -21.35
CA THR C 85 8.82 -18.40 -22.13
C THR C 85 9.04 -19.28 -23.38
N ASP C 86 8.53 -20.52 -23.36
CA ASP C 86 8.49 -21.38 -24.58
C ASP C 86 7.64 -20.69 -25.66
N LEU C 87 6.39 -20.40 -25.31
CA LEU C 87 5.35 -19.95 -26.26
C LEU C 87 5.63 -18.49 -26.63
N TYR C 88 6.01 -17.65 -25.67
CA TYR C 88 6.12 -16.20 -25.85
C TYR C 88 7.59 -15.81 -26.00
N GLN C 89 8.52 -16.76 -26.06
CA GLN C 89 9.95 -16.41 -26.29
C GLN C 89 10.56 -17.48 -27.20
N ASP C 90 10.85 -18.65 -26.65
CA ASP C 90 11.79 -19.65 -27.21
C ASP C 90 11.34 -20.19 -28.58
N ILE C 91 10.06 -20.46 -28.84
CA ILE C 91 9.70 -21.21 -30.10
C ILE C 91 10.01 -20.34 -31.33
N GLY C 92 10.08 -19.02 -31.16
CA GLY C 92 10.58 -18.07 -32.15
C GLY C 92 11.72 -18.68 -32.93
N SER C 93 12.75 -19.17 -32.24
CA SER C 93 14.07 -19.50 -32.85
C SER C 93 14.85 -20.58 -32.09
N ASP C 94 14.33 -21.15 -30.99
CA ASP C 94 14.99 -22.25 -30.23
C ASP C 94 14.66 -23.60 -30.86
N PRO C 95 15.69 -24.28 -31.41
CA PRO C 95 15.46 -25.60 -31.99
C PRO C 95 14.89 -26.69 -31.07
N GLN C 96 15.20 -26.66 -29.76
CA GLN C 96 14.65 -27.67 -28.83
C GLN C 96 13.14 -27.41 -28.72
N ALA C 97 12.74 -26.15 -28.51
CA ALA C 97 11.32 -25.78 -28.34
C ALA C 97 10.58 -26.15 -29.64
N GLN C 98 11.18 -25.91 -30.80
CA GLN C 98 10.59 -26.24 -32.13
C GLN C 98 10.41 -27.76 -32.25
N ARG C 99 11.45 -28.55 -32.01
CA ARG C 99 11.33 -30.04 -32.02
C ARG C 99 10.19 -30.50 -31.10
N SER C 100 10.08 -29.93 -29.90
CA SER C 100 9.01 -30.33 -28.95
C SER C 100 7.63 -30.13 -29.60
N LEU C 101 7.43 -28.99 -30.26
CA LEU C 101 6.13 -28.64 -30.90
C LEU C 101 5.82 -29.67 -32.01
N GLN C 102 6.86 -30.05 -32.76
CA GLN C 102 6.75 -31.06 -33.88
C GLN C 102 6.39 -32.44 -33.35
N LEU C 103 7.06 -32.92 -32.31
CA LEU C 103 6.95 -34.30 -31.82
C LEU C 103 5.61 -34.52 -31.12
N ALA C 104 5.01 -33.45 -30.54
CA ALA C 104 3.80 -33.57 -29.71
C ALA C 104 2.59 -34.15 -30.48
N GLN C 105 1.89 -35.11 -29.90
CA GLN C 105 0.51 -35.48 -30.36
C GLN C 105 -0.43 -34.29 -30.07
N ARG C 106 -0.33 -33.69 -28.89
CA ARG C 106 -1.25 -32.60 -28.47
C ARG C 106 -0.39 -31.50 -27.83
N LEU C 107 -0.73 -30.26 -28.13
CA LEU C 107 -0.14 -29.07 -27.45
C LEU C 107 -1.16 -28.46 -26.51
N VAL C 108 -0.75 -28.01 -25.34
CA VAL C 108 -1.73 -27.46 -24.37
C VAL C 108 -1.31 -26.04 -24.13
N VAL C 109 -2.29 -25.12 -24.19
CA VAL C 109 -2.08 -23.69 -23.83
C VAL C 109 -3.03 -23.44 -22.67
N LEU C 110 -2.64 -22.54 -21.78
CA LEU C 110 -3.30 -22.43 -20.46
C LEU C 110 -4.36 -21.31 -20.45
N GLN C 111 -4.52 -20.57 -21.55
CA GLN C 111 -5.62 -19.59 -21.66
C GLN C 111 -5.96 -19.42 -23.14
N ALA C 112 -7.06 -18.69 -23.44
CA ALA C 112 -7.75 -18.79 -24.74
C ALA C 112 -6.88 -18.24 -25.87
N LEU C 113 -5.93 -17.32 -25.60
CA LEU C 113 -5.15 -16.55 -26.63
C LEU C 113 -3.89 -17.33 -27.02
N GLY C 114 -3.55 -18.37 -26.25
CA GLY C 114 -2.25 -19.06 -26.34
C GLY C 114 -2.03 -19.58 -27.74
N ALA C 115 -3.05 -20.13 -28.37
CA ALA C 115 -2.81 -20.78 -29.68
C ALA C 115 -2.51 -19.74 -30.76
N GLU C 116 -2.83 -18.45 -30.57
CA GLU C 116 -2.47 -17.35 -31.52
C GLU C 116 -0.94 -17.19 -31.64
N ALA C 117 -0.19 -17.58 -30.61
CA ALA C 117 1.29 -17.50 -30.58
C ALA C 117 1.91 -18.74 -31.20
N LEU C 118 1.15 -19.81 -31.46
CA LEU C 118 1.69 -21.04 -32.12
C LEU C 118 1.74 -20.83 -33.63
N PRO C 119 2.73 -21.43 -34.33
CA PRO C 119 2.65 -21.61 -35.78
C PRO C 119 1.31 -22.19 -36.23
N PRO C 120 0.69 -21.70 -37.33
CA PRO C 120 -0.65 -22.13 -37.71
C PRO C 120 -0.73 -23.65 -37.93
N GLU C 121 0.37 -24.26 -38.36
CA GLU C 121 0.45 -25.72 -38.63
C GLU C 121 0.45 -26.52 -37.32
N CYS C 122 0.57 -25.89 -36.14
CA CYS C 122 0.48 -26.54 -34.81
C CYS C 122 -0.89 -26.31 -34.12
N ARG C 123 -1.80 -25.54 -34.74
CA ARG C 123 -3.07 -25.14 -34.06
C ARG C 123 -4.11 -26.27 -34.06
N ALA C 124 -4.14 -27.16 -35.08
CA ALA C 124 -5.10 -28.28 -35.13
C ALA C 124 -4.93 -29.16 -33.91
N LYS C 125 -3.69 -29.33 -33.36
CA LYS C 125 -3.48 -30.28 -32.24
C LYS C 125 -3.35 -29.47 -30.93
N ALA C 126 -3.62 -28.16 -30.97
CA ALA C 126 -3.57 -27.30 -29.73
C ALA C 126 -4.90 -27.39 -28.95
N ARG C 127 -4.84 -27.45 -27.61
CA ARG C 127 -6.00 -27.63 -26.68
C ARG C 127 -5.85 -26.57 -25.60
N VAL C 128 -6.96 -25.93 -25.24
CA VAL C 128 -6.91 -24.94 -24.13
C VAL C 128 -7.33 -25.66 -22.87
N VAL C 129 -6.50 -25.49 -21.85
CA VAL C 129 -6.81 -25.99 -20.53
C VAL C 129 -6.61 -24.79 -19.62
N TYR C 130 -7.65 -24.05 -19.32
CA TYR C 130 -7.52 -23.07 -18.20
C TYR C 130 -7.18 -23.83 -16.93
N GLN C 131 -6.31 -23.20 -16.11
CA GLN C 131 -5.95 -23.72 -14.78
C GLN C 131 -7.08 -23.42 -13.80
N SER C 132 -7.03 -24.02 -12.65
CA SER C 132 -8.01 -23.84 -11.58
C SER C 132 -7.29 -23.62 -10.26
N THR C 133 -8.04 -23.13 -9.28
CA THR C 133 -7.55 -22.89 -7.93
C THR C 133 -8.73 -22.95 -6.99
N SER C 134 -8.46 -23.23 -5.73
CA SER C 134 -9.47 -23.19 -4.62
C SER C 134 -9.89 -21.74 -4.39
N ALA C 135 -11.16 -21.57 -4.02
CA ALA C 135 -11.67 -20.24 -3.63
C ALA C 135 -11.15 -19.85 -2.24
N ARG C 136 -11.13 -18.54 -2.00
CA ARG C 136 -11.03 -17.98 -0.63
C ARG C 136 -12.23 -17.04 -0.47
N ALA C 137 -12.76 -16.97 0.75
CA ALA C 137 -13.91 -16.11 1.07
C ALA C 137 -13.56 -14.66 0.73
N GLU C 138 -14.39 -13.94 -0.01
CA GLU C 138 -14.21 -12.48 -0.21
C GLU C 138 -14.37 -11.75 1.11
N LEU C 139 -13.34 -10.99 1.48
CA LEU C 139 -13.29 -10.22 2.76
C LEU C 139 -13.69 -8.77 2.43
N PRO C 140 -14.27 -8.07 3.43
CA PRO C 140 -14.65 -6.68 3.23
C PRO C 140 -13.32 -5.91 3.28
N LYS C 141 -13.18 -4.82 2.52
CA LYS C 141 -11.90 -4.09 2.57
C LYS C 141 -12.14 -2.64 2.95
N SER C 142 -11.27 -2.20 3.85
CA SER C 142 -11.30 -0.88 4.52
C SER C 142 -11.22 0.23 3.46
N ALA C 143 -11.84 1.35 3.75
CA ALA C 143 -11.68 2.59 2.98
C ALA C 143 -10.46 3.37 3.50
N ARG C 144 -9.73 2.86 4.48
CA ARG C 144 -8.60 3.58 5.18
C ARG C 144 -7.45 3.84 4.19
N GLN C 145 -7.16 2.85 3.34
CA GLN C 145 -5.92 2.84 2.51
C GLN C 145 -6.19 1.88 1.37
N LEU C 146 -5.37 1.95 0.33
CA LEU C 146 -5.37 0.92 -0.74
C LEU C 146 -4.10 0.09 -0.57
N ARG C 147 -4.23 -1.19 -0.25
CA ARG C 147 -3.08 -2.09 -0.13
C ARG C 147 -3.05 -2.95 -1.41
N ALA C 148 -1.97 -2.84 -2.15
CA ALA C 148 -1.74 -3.58 -3.41
C ALA C 148 -0.76 -4.70 -3.06
N VAL C 149 -0.91 -5.88 -3.66
CA VAL C 149 0.09 -6.96 -3.47
C VAL C 149 0.49 -7.42 -4.87
N MET C 150 1.78 -7.71 -5.03
CA MET C 150 2.27 -8.38 -6.25
C MET C 150 3.01 -9.64 -5.80
N VAL C 151 2.79 -10.74 -6.51
CA VAL C 151 3.39 -12.05 -6.15
C VAL C 151 4.12 -12.62 -7.36
N GLY C 152 5.41 -12.82 -7.21
CA GLY C 152 6.29 -13.45 -8.23
C GLY C 152 7.70 -13.57 -7.74
N HIS C 153 8.31 -14.76 -7.68
CA HIS C 153 9.77 -14.85 -7.50
C HIS C 153 10.42 -13.89 -8.47
N LEU C 154 11.41 -13.15 -8.02
CA LEU C 154 11.97 -12.00 -8.75
C LEU C 154 12.86 -12.50 -9.88
N ARG C 155 12.38 -12.34 -11.10
CA ARG C 155 13.13 -12.61 -12.34
C ARG C 155 12.67 -11.59 -13.37
N GLN C 156 13.50 -11.33 -14.37
CA GLN C 156 13.29 -10.24 -15.35
C GLN C 156 11.89 -10.40 -15.99
N VAL C 157 11.49 -11.65 -16.25
CA VAL C 157 10.22 -11.96 -16.99
C VAL C 157 9.01 -11.41 -16.20
N LYS C 158 9.14 -11.25 -14.89
CA LYS C 158 8.04 -10.69 -14.07
C LYS C 158 8.06 -9.14 -14.11
N SER C 159 9.05 -8.53 -14.75
CA SER C 159 9.18 -7.05 -14.87
C SER C 159 8.92 -6.37 -13.54
N PRO C 160 9.64 -6.74 -12.47
CA PRO C 160 9.40 -6.12 -11.17
C PRO C 160 9.73 -4.63 -11.18
N GLN C 161 10.61 -4.21 -12.06
CA GLN C 161 11.05 -2.79 -12.14
C GLN C 161 9.84 -1.90 -12.36
N THR C 162 8.81 -2.38 -13.07
CA THR C 162 7.61 -1.54 -13.29
C THR C 162 6.98 -1.20 -11.94
N LEU C 163 6.83 -2.20 -11.10
CA LEU C 163 6.28 -1.99 -9.72
C LEU C 163 7.23 -1.10 -8.92
N PHE C 164 8.55 -1.34 -9.02
CA PHE C 164 9.49 -0.52 -8.24
C PHE C 164 9.33 0.97 -8.64
N ASP C 165 9.26 1.24 -9.94
CA ASP C 165 9.17 2.60 -10.51
C ASP C 165 7.80 3.21 -10.09
N ALA C 166 6.70 2.46 -10.08
CA ALA C 166 5.42 2.99 -9.58
C ALA C 166 5.49 3.34 -8.10
N ALA C 167 6.13 2.51 -7.29
CA ALA C 167 6.30 2.76 -5.85
C ALA C 167 7.09 4.05 -5.66
N ARG C 168 8.11 4.23 -6.47
CA ARG C 168 8.97 5.44 -6.42
C ARG C 168 8.13 6.67 -6.76
N LEU C 169 7.30 6.59 -7.79
CA LEU C 169 6.41 7.73 -8.13
C LEU C 169 5.56 8.12 -6.92
N LEU C 170 5.11 7.17 -6.10
CA LEU C 170 4.15 7.35 -4.98
C LEU C 170 4.94 7.43 -3.67
N CYS C 171 6.26 7.66 -3.71
CA CYS C 171 7.13 7.61 -2.48
C CYS C 171 6.56 8.57 -1.41
N GLY C 172 6.25 8.03 -0.22
CA GLY C 172 5.79 8.79 0.94
C GLY C 172 4.29 9.04 0.91
N ARG C 173 3.57 8.57 -0.10
CA ARG C 173 2.09 8.66 -0.05
C ARG C 173 1.54 7.63 0.96
N GLU C 174 0.94 8.08 2.09
CA GLU C 174 0.69 7.19 3.24
C GLU C 174 -0.50 6.25 2.96
N ASP C 175 -1.37 6.60 2.02
CA ASP C 175 -2.71 5.96 1.90
C ASP C 175 -2.67 4.88 0.79
N ILE C 176 -1.51 4.67 0.13
CA ILE C 176 -1.31 3.56 -0.86
C ILE C 176 -0.13 2.76 -0.35
N ARG C 177 -0.32 1.44 -0.21
CA ARG C 177 0.75 0.53 0.22
C ARG C 177 0.94 -0.52 -0.87
N ILE C 178 2.18 -0.93 -1.03
CA ILE C 178 2.52 -2.04 -1.96
C ILE C 178 3.28 -3.07 -1.18
N ASP C 179 2.75 -4.32 -1.15
CA ASP C 179 3.52 -5.47 -0.61
C ASP C 179 3.95 -6.37 -1.77
N HIS C 180 5.18 -6.85 -1.74
CA HIS C 180 5.75 -7.58 -2.88
C HIS C 180 6.24 -8.90 -2.33
N ILE C 181 5.74 -10.02 -2.86
CA ILE C 181 6.04 -11.38 -2.36
C ILE C 181 6.85 -12.13 -3.43
N GLY C 182 7.99 -12.69 -3.07
CA GLY C 182 8.79 -13.49 -4.01
C GLY C 182 10.21 -13.61 -3.54
N ASP C 183 10.88 -14.69 -3.90
CA ASP C 183 12.35 -14.87 -3.65
C ASP C 183 13.19 -13.83 -4.43
N ALA C 184 14.44 -13.59 -4.02
CA ALA C 184 15.45 -12.83 -4.78
C ALA C 184 16.25 -13.78 -5.67
N GLY C 185 15.74 -14.12 -6.85
CA GLY C 185 16.40 -15.00 -7.83
C GLY C 185 17.40 -14.28 -8.73
N ASP C 186 16.91 -13.46 -9.66
CA ASP C 186 17.71 -12.85 -10.76
C ASP C 186 18.71 -11.84 -10.19
N ALA C 187 19.90 -11.77 -10.81
CA ALA C 187 21.01 -10.87 -10.42
C ALA C 187 20.44 -9.48 -10.15
N GLY C 188 20.43 -9.10 -8.87
CA GLY C 188 20.35 -7.69 -8.49
C GLY C 188 18.94 -7.27 -8.12
N LEU C 189 17.90 -8.04 -8.47
CA LEU C 189 16.51 -7.52 -8.29
C LEU C 189 16.13 -7.45 -6.80
N GLY C 190 16.51 -8.42 -5.98
CA GLY C 190 16.35 -8.36 -4.53
C GLY C 190 16.97 -7.11 -3.96
N GLU C 191 18.15 -6.72 -4.44
CA GLU C 191 18.86 -5.54 -3.87
C GLU C 191 18.10 -4.27 -4.27
N LEU C 192 17.56 -4.18 -5.48
CA LEU C 192 16.65 -3.04 -5.83
C LEU C 192 15.47 -3.03 -4.86
N ALA C 193 14.87 -4.19 -4.61
CA ALA C 193 13.67 -4.26 -3.74
C ALA C 193 14.02 -3.76 -2.31
N ARG C 194 15.13 -4.24 -1.74
CA ARG C 194 15.56 -3.83 -0.38
C ARG C 194 15.80 -2.33 -0.31
N ALA C 195 16.48 -1.81 -1.33
CA ALA C 195 16.84 -0.39 -1.37
C ALA C 195 15.56 0.44 -1.44
N LEU C 196 14.60 -0.03 -2.24
CA LEU C 196 13.30 0.66 -2.40
C LEU C 196 12.56 0.64 -1.06
N ALA C 197 12.50 -0.49 -0.36
CA ALA C 197 11.75 -0.61 0.91
C ALA C 197 12.40 0.34 1.93
N SER C 198 13.72 0.44 1.90
CA SER C 198 14.47 1.31 2.85
C SER C 198 14.10 2.78 2.65
N ASP C 199 13.89 3.19 1.39
CA ASP C 199 13.64 4.60 1.00
C ASP C 199 12.16 4.97 1.18
N CYS C 200 11.27 4.06 0.80
CA CYS C 200 9.85 4.35 0.57
C CYS C 200 9.06 3.45 1.50
N PRO C 201 8.53 3.97 2.63
CA PRO C 201 7.94 3.11 3.66
C PRO C 201 6.63 2.43 3.24
N GLY C 202 6.05 2.89 2.15
CA GLY C 202 4.79 2.34 1.64
C GLY C 202 5.00 1.11 0.79
N TYR C 203 6.25 0.78 0.51
CA TYR C 203 6.64 -0.45 -0.24
C TYR C 203 7.32 -1.40 0.75
N ARG C 204 6.93 -2.67 0.74
CA ARG C 204 7.61 -3.72 1.53
C ARG C 204 7.89 -4.89 0.60
N TRP C 205 9.13 -5.39 0.64
CA TRP C 205 9.46 -6.68 0.00
C TRP C 205 9.52 -7.73 1.10
N LEU C 206 8.61 -8.71 1.04
CA LEU C 206 8.36 -9.69 2.12
C LEU C 206 9.18 -10.95 1.85
N GLY C 207 9.91 -10.99 0.74
CA GLY C 207 10.64 -12.22 0.34
C GLY C 207 9.71 -13.32 -0.06
N ALA C 208 10.23 -14.54 -0.19
CA ALA C 208 9.40 -15.72 -0.55
C ALA C 208 8.56 -16.03 0.68
N LEU C 209 7.29 -16.36 0.50
CA LEU C 209 6.40 -16.78 1.59
C LEU C 209 5.79 -18.14 1.22
N PRO C 210 5.45 -18.93 2.25
CA PRO C 210 4.71 -20.17 2.02
C PRO C 210 3.38 -19.86 1.34
N HIS C 211 2.87 -20.84 0.60
CA HIS C 211 1.70 -20.62 -0.28
C HIS C 211 0.43 -20.27 0.52
N ALA C 212 0.20 -20.87 1.69
CA ALA C 212 -0.99 -20.59 2.51
C ALA C 212 -0.98 -19.11 2.88
N GLN C 213 0.15 -18.63 3.37
CA GLN C 213 0.27 -17.21 3.78
C GLN C 213 0.18 -16.32 2.53
N THR C 214 0.73 -16.74 1.41
CA THR C 214 0.62 -15.92 0.17
C THR C 214 -0.85 -15.79 -0.23
N ARG C 215 -1.61 -16.91 -0.26
CA ARG C 215 -3.05 -16.84 -0.57
C ARG C 215 -3.78 -15.94 0.42
N GLN C 216 -3.41 -15.96 1.71
CA GLN C 216 -4.05 -15.13 2.76
C GLN C 216 -3.83 -13.63 2.43
N ARG C 217 -2.61 -13.28 2.01
CA ARG C 217 -2.19 -11.88 1.70
C ARG C 217 -2.89 -11.42 0.42
N ILE C 218 -3.03 -12.28 -0.58
CA ILE C 218 -3.80 -11.90 -1.81
C ILE C 218 -5.29 -11.70 -1.44
N GLN C 219 -5.87 -12.57 -0.61
CA GLN C 219 -7.27 -12.49 -0.12
C GLN C 219 -7.47 -11.19 0.67
N ARG C 220 -6.48 -10.72 1.42
CA ARG C 220 -6.66 -9.51 2.31
C ARG C 220 -6.37 -8.20 1.53
N ALA C 221 -5.65 -8.30 0.43
CA ALA C 221 -5.25 -7.12 -0.36
C ALA C 221 -6.46 -6.48 -1.03
N HIS C 222 -6.45 -5.19 -1.28
CA HIS C 222 -7.48 -4.48 -2.04
C HIS C 222 -7.37 -4.82 -3.52
N VAL C 223 -6.14 -5.09 -3.97
CA VAL C 223 -5.91 -5.28 -5.41
C VAL C 223 -4.60 -6.05 -5.59
N LEU C 224 -4.56 -6.94 -6.58
CA LEU C 224 -3.32 -7.61 -7.02
C LEU C 224 -2.77 -6.86 -8.24
N VAL C 225 -1.46 -6.58 -8.25
CA VAL C 225 -0.79 -5.96 -9.41
C VAL C 225 0.11 -7.05 -10.01
N HIS C 226 0.13 -7.15 -11.33
CA HIS C 226 0.98 -8.17 -12.00
C HIS C 226 1.55 -7.52 -13.26
N THR C 227 2.89 -7.33 -13.35
CA THR C 227 3.56 -6.44 -14.31
C THR C 227 4.23 -7.24 -15.47
N SER C 228 4.16 -8.56 -15.42
CA SER C 228 4.99 -9.47 -16.29
C SER C 228 5.00 -9.07 -17.76
N ALA C 229 6.19 -9.26 -18.37
CA ALA C 229 6.36 -9.20 -19.84
C ALA C 229 5.60 -10.31 -20.59
N LEU C 230 5.47 -11.50 -20.01
CA LEU C 230 4.71 -12.63 -20.58
C LEU C 230 4.30 -13.58 -19.46
N GLU C 231 3.26 -14.33 -19.71
CA GLU C 231 2.79 -15.41 -18.82
C GLU C 231 2.20 -16.50 -19.72
N GLY C 232 2.33 -17.75 -19.35
CA GLY C 232 1.54 -18.85 -19.89
C GLY C 232 0.09 -18.68 -19.46
N GLY C 233 -0.14 -18.22 -18.22
CA GLY C 233 -1.46 -18.21 -17.56
C GLY C 233 -1.25 -18.22 -16.07
N ALA C 234 -1.05 -17.05 -15.48
CA ALA C 234 -0.49 -16.95 -14.12
C ALA C 234 -1.46 -17.44 -13.03
N HIS C 235 -0.96 -18.31 -12.17
CA HIS C 235 -1.66 -18.78 -10.96
C HIS C 235 -2.05 -17.58 -10.09
N VAL C 236 -1.19 -16.60 -9.91
CA VAL C 236 -1.52 -15.49 -8.93
C VAL C 236 -2.76 -14.70 -9.40
N ILE C 237 -2.96 -14.52 -10.70
CA ILE C 237 -4.16 -13.79 -11.16
C ILE C 237 -5.39 -14.63 -10.81
N MET C 238 -5.43 -15.94 -11.06
CA MET C 238 -6.64 -16.70 -10.69
C MET C 238 -6.79 -16.79 -9.18
N GLU C 239 -5.69 -16.80 -8.41
CA GLU C 239 -5.77 -16.86 -6.93
C GLU C 239 -6.46 -15.58 -6.47
N ALA C 240 -6.11 -14.43 -7.04
CA ALA C 240 -6.78 -13.16 -6.69
C ALA C 240 -8.24 -13.22 -7.06
N VAL C 241 -8.54 -13.52 -8.34
CA VAL C 241 -9.96 -13.51 -8.85
C VAL C 241 -10.81 -14.44 -7.98
N ARG C 242 -10.29 -15.62 -7.65
CA ARG C 242 -11.04 -16.62 -6.82
C ARG C 242 -11.08 -16.27 -5.32
N SER C 243 -10.50 -15.13 -4.90
CA SER C 243 -10.60 -14.57 -3.53
C SER C 243 -11.52 -13.34 -3.53
N GLY C 244 -12.03 -12.93 -4.69
CA GLY C 244 -12.72 -11.65 -4.94
C GLY C 244 -11.78 -10.48 -4.72
N THR C 245 -10.52 -10.63 -5.09
CA THR C 245 -9.51 -9.53 -5.09
C THR C 245 -9.31 -9.17 -6.55
N PRO C 246 -9.57 -7.90 -6.95
CA PRO C 246 -9.41 -7.51 -8.34
C PRO C 246 -7.93 -7.32 -8.69
N VAL C 247 -7.71 -7.18 -10.00
CA VAL C 247 -6.35 -7.20 -10.61
C VAL C 247 -6.06 -5.93 -11.44
N LEU C 248 -4.82 -5.46 -11.36
CA LEU C 248 -4.21 -4.53 -12.31
C LEU C 248 -3.04 -5.23 -13.01
N ALA C 249 -3.12 -5.37 -14.33
CA ALA C 249 -2.18 -6.26 -15.03
C ALA C 249 -1.64 -5.57 -16.27
N SER C 250 -0.38 -5.87 -16.57
CA SER C 250 0.26 -5.51 -17.86
C SER C 250 -0.53 -6.14 -18.99
N ARG C 251 -0.67 -5.39 -20.05
CA ARG C 251 -1.46 -5.77 -21.24
C ARG C 251 -0.56 -6.64 -22.13
N VAL C 252 -0.45 -7.90 -21.75
CA VAL C 252 0.33 -8.95 -22.47
C VAL C 252 -0.58 -10.16 -22.64
N PRO C 253 -0.42 -10.88 -23.76
CA PRO C 253 -1.39 -11.93 -24.07
C PRO C 253 -1.79 -12.89 -22.94
N GLY C 254 -0.83 -13.42 -22.16
CA GLY C 254 -1.16 -14.41 -21.12
C GLY C 254 -2.01 -13.79 -20.01
N ASN C 255 -1.84 -12.50 -19.77
CA ASN C 255 -2.65 -11.75 -18.78
C ASN C 255 -4.05 -11.49 -19.40
N VAL C 256 -4.07 -11.09 -20.65
CA VAL C 256 -5.36 -10.78 -21.35
C VAL C 256 -6.16 -12.07 -21.53
N GLY C 257 -5.54 -13.23 -21.80
CA GLY C 257 -6.24 -14.51 -21.79
C GLY C 257 -6.90 -14.84 -20.46
N MET C 258 -6.34 -14.36 -19.33
CA MET C 258 -6.87 -14.65 -18.00
C MET C 258 -8.04 -13.71 -17.70
N LEU C 259 -7.86 -12.41 -17.91
CA LEU C 259 -8.80 -11.36 -17.41
C LEU C 259 -9.84 -10.90 -18.44
N GLY C 260 -9.62 -11.18 -19.71
CA GLY C 260 -10.61 -10.89 -20.78
C GLY C 260 -10.27 -9.67 -21.62
N ASN C 261 -10.74 -9.65 -22.88
CA ASN C 261 -10.42 -8.56 -23.83
C ASN C 261 -10.96 -7.18 -23.41
N ASP C 262 -12.04 -7.15 -22.65
CA ASP C 262 -12.79 -5.95 -22.26
C ASP C 262 -12.39 -5.49 -20.85
N TYR C 263 -11.35 -6.10 -20.22
CA TYR C 263 -11.02 -5.83 -18.80
C TYR C 263 -10.51 -4.39 -18.69
N ALA C 264 -10.94 -3.69 -17.64
CA ALA C 264 -10.72 -2.24 -17.44
C ALA C 264 -9.45 -1.93 -16.64
N GLY C 265 -8.70 -2.97 -16.27
CA GLY C 265 -7.57 -2.85 -15.33
C GLY C 265 -6.24 -3.20 -15.95
N TYR C 266 -6.05 -2.92 -17.23
CA TYR C 266 -4.72 -3.11 -17.87
C TYR C 266 -3.93 -1.81 -17.91
N PHE C 267 -2.63 -1.95 -17.87
CA PHE C 267 -1.66 -0.85 -18.20
C PHE C 267 -0.68 -1.39 -19.23
N PRO C 268 -0.15 -0.52 -20.10
CA PRO C 268 0.84 -0.99 -21.08
C PRO C 268 2.04 -1.60 -20.33
N HIS C 269 2.63 -2.64 -20.90
CA HIS C 269 3.84 -3.25 -20.32
C HIS C 269 4.92 -2.18 -20.15
N GLY C 270 5.58 -2.16 -18.98
CA GLY C 270 6.70 -1.25 -18.72
C GLY C 270 6.30 0.18 -18.43
N ASP C 271 5.02 0.44 -18.22
CA ASP C 271 4.52 1.83 -18.03
C ASP C 271 4.17 2.05 -16.55
N ALA C 272 5.18 2.38 -15.74
CA ALA C 272 5.01 2.61 -14.30
C ALA C 272 4.04 3.79 -14.07
N ALA C 273 4.07 4.85 -14.88
CA ALA C 273 3.16 6.02 -14.75
C ALA C 273 1.72 5.54 -14.86
N ALA C 274 1.44 4.66 -15.82
CA ALA C 274 0.06 4.15 -16.04
C ALA C 274 -0.40 3.26 -14.88
N LEU C 275 0.50 2.45 -14.32
CA LEU C 275 0.18 1.63 -13.14
C LEU C 275 -0.05 2.54 -11.95
N ALA C 276 0.76 3.57 -11.73
CA ALA C 276 0.54 4.51 -10.61
C ALA C 276 -0.81 5.21 -10.80
N ALA C 277 -1.17 5.60 -12.01
CA ALA C 277 -2.43 6.31 -12.27
C ALA C 277 -3.59 5.37 -11.91
N LEU C 278 -3.46 4.09 -12.20
CA LEU C 278 -4.52 3.10 -11.88
C LEU C 278 -4.65 2.91 -10.36
N LEU C 279 -3.51 2.81 -9.66
CA LEU C 279 -3.51 2.73 -8.17
C LEU C 279 -4.19 3.99 -7.63
N GLU C 280 -3.83 5.19 -8.07
CA GLU C 280 -4.50 6.41 -7.58
C GLU C 280 -6.00 6.38 -7.85
N ALA C 281 -6.43 5.92 -9.01
CA ALA C 281 -7.88 5.83 -9.36
C ALA C 281 -8.60 4.84 -8.44
N CYS C 282 -7.97 3.69 -8.17
CA CYS C 282 -8.54 2.69 -7.24
C CYS C 282 -8.74 3.41 -5.90
N ARG C 283 -7.71 4.11 -5.42
CA ARG C 283 -7.75 4.79 -4.11
C ARG C 283 -8.84 5.88 -4.14
N ALA C 284 -8.90 6.64 -5.22
CA ALA C 284 -9.85 7.79 -5.32
C ALA C 284 -11.29 7.31 -5.21
N GLY C 285 -11.60 6.10 -5.68
CA GLY C 285 -12.98 5.58 -5.68
C GLY C 285 -13.40 4.94 -4.38
N GLN C 286 -12.60 4.92 -3.30
CA GLN C 286 -12.92 4.12 -2.06
C GLN C 286 -13.89 4.87 -1.12
N GLY C 287 -14.07 6.17 -1.26
CA GLY C 287 -14.96 6.92 -0.33
C GLY C 287 -16.43 6.48 -0.40
N ALA C 293 -19.41 3.51 -8.61
CA ALA C 293 -18.84 4.30 -9.73
C ALA C 293 -17.31 4.16 -9.77
N GLY C 294 -16.70 3.74 -8.67
CA GLY C 294 -15.24 3.69 -8.48
C GLY C 294 -14.61 2.56 -9.27
N LEU C 295 -13.34 2.73 -9.66
CA LEU C 295 -12.66 1.68 -10.45
C LEU C 295 -12.59 0.34 -9.70
N LEU C 296 -12.32 0.28 -8.38
CA LEU C 296 -12.19 -1.03 -7.69
C LEU C 296 -13.47 -1.84 -7.84
N ASP C 297 -14.63 -1.20 -7.65
CA ASP C 297 -15.88 -1.98 -7.71
C ASP C 297 -16.12 -2.43 -9.14
N SER C 298 -15.79 -1.63 -10.14
CA SER C 298 -15.92 -2.02 -11.57
C SER C 298 -15.04 -3.25 -11.84
N LEU C 299 -13.78 -3.21 -11.40
CA LEU C 299 -12.86 -4.38 -11.60
C LEU C 299 -13.37 -5.58 -10.80
N ARG C 300 -13.91 -5.42 -9.59
CA ARG C 300 -14.50 -6.56 -8.86
C ARG C 300 -15.62 -7.21 -9.67
N THR C 301 -16.51 -6.42 -10.23
CA THR C 301 -17.64 -6.95 -11.05
C THR C 301 -17.07 -7.77 -12.22
N GLN C 302 -16.08 -7.20 -12.96
CA GLN C 302 -15.43 -7.91 -14.11
C GLN C 302 -14.75 -9.21 -13.63
N CYS C 303 -13.99 -9.16 -12.56
CA CYS C 303 -13.28 -10.34 -12.04
C CYS C 303 -14.31 -11.40 -11.64
N ALA C 304 -15.48 -11.03 -11.13
CA ALA C 304 -16.44 -12.07 -10.63
C ALA C 304 -16.96 -12.83 -11.85
N LEU C 305 -17.01 -12.20 -13.05
CA LEU C 305 -17.46 -12.91 -14.29
C LEU C 305 -16.40 -13.89 -14.76
N ARG C 306 -15.13 -13.62 -14.46
CA ARG C 306 -13.98 -14.47 -14.93
C ARG C 306 -13.82 -15.68 -13.98
N ALA C 307 -14.27 -15.61 -12.74
CA ALA C 307 -13.96 -16.57 -11.66
C ALA C 307 -14.37 -18.01 -12.00
N PRO C 308 -15.52 -18.25 -12.67
CA PRO C 308 -15.89 -19.60 -13.08
C PRO C 308 -14.87 -20.28 -14.01
N LEU C 309 -14.09 -19.56 -14.83
CA LEU C 309 -12.98 -20.10 -15.68
C LEU C 309 -12.07 -21.01 -14.79
N PHE C 310 -11.88 -20.70 -13.53
CA PHE C 310 -10.82 -21.32 -12.68
C PHE C 310 -11.36 -22.34 -11.68
N ASP C 311 -12.51 -22.93 -11.99
CA ASP C 311 -13.14 -23.97 -11.16
C ASP C 311 -12.54 -25.32 -11.53
N PRO C 312 -12.07 -26.09 -10.52
CA PRO C 312 -11.37 -27.34 -10.84
C PRO C 312 -12.25 -28.37 -11.56
N ARG C 313 -13.59 -28.29 -11.46
CA ARG C 313 -14.48 -29.23 -12.20
C ARG C 313 -14.26 -29.02 -13.70
N ALA C 314 -14.05 -27.77 -14.13
CA ALA C 314 -13.81 -27.40 -15.55
C ALA C 314 -12.44 -27.92 -15.99
N GLU C 315 -11.37 -27.61 -15.23
CA GLU C 315 -10.01 -28.12 -15.53
C GLU C 315 -10.05 -29.64 -15.57
N GLN C 316 -10.65 -30.32 -14.60
CA GLN C 316 -10.69 -31.80 -14.62
C GLN C 316 -11.36 -32.28 -15.91
N ALA C 317 -12.52 -31.76 -16.29
CA ALA C 317 -13.13 -32.15 -17.61
C ALA C 317 -12.22 -31.97 -18.83
N ALA C 318 -11.53 -30.86 -18.93
CA ALA C 318 -10.60 -30.53 -20.04
C ALA C 318 -9.47 -31.57 -20.01
N LEU C 319 -8.95 -31.90 -18.82
CA LEU C 319 -7.85 -32.91 -18.73
C LEU C 319 -8.34 -34.32 -19.08
N PHE C 320 -9.55 -34.70 -18.65
CA PHE C 320 -10.19 -35.99 -19.03
C PHE C 320 -10.23 -36.14 -20.54
N GLN C 321 -10.68 -35.12 -21.25
CA GLN C 321 -10.76 -35.16 -22.71
C GLN C 321 -9.35 -35.30 -23.28
N LEU C 322 -8.41 -34.47 -22.83
CA LEU C 322 -7.02 -34.53 -23.28
C LEU C 322 -6.48 -35.96 -23.08
N LEU C 323 -6.62 -36.54 -21.90
CA LEU C 323 -6.07 -37.89 -21.62
C LEU C 323 -6.67 -38.87 -22.62
N ASN C 324 -7.98 -38.77 -22.87
CA ASN C 324 -8.64 -39.73 -23.80
C ASN C 324 -8.10 -39.61 -25.22
N GLU C 325 -7.67 -38.42 -25.65
CA GLU C 325 -7.13 -38.17 -26.99
C GLU C 325 -5.72 -38.75 -27.08
N LEU C 326 -5.01 -38.80 -25.95
CA LEU C 326 -3.58 -39.20 -26.00
C LEU C 326 -3.49 -40.71 -25.81
N GLN C 327 -4.50 -41.35 -25.19
CA GLN C 327 -4.64 -42.83 -25.17
C GLN C 327 -6.12 -43.23 -25.38
#